data_3JU4
#
_entry.id   3JU4
#
_cell.length_a   119.040
_cell.length_b   119.040
_cell.length_c   175.690
_cell.angle_alpha   90.00
_cell.angle_beta   90.00
_cell.angle_gamma   120.00
#
_symmetry.space_group_name_H-M   'H 3'
#
loop_
_entity.id
_entity.type
_entity.pdbx_description
1 polymer Endo-N-acetylneuraminidase
2 non-polymer 'N-acetyl-beta-neuraminic acid'
3 non-polymer 'CHLORIDE ION'
4 non-polymer 'SODIUM ION'
5 water water
#
_entity_poly.entity_id   1
_entity_poly.type   'polypeptide(L)'
_entity_poly.pdbx_seq_one_letter_code
;VPRGSAKGDGVTDDTAALTSALNDTPVGQKINGNGKTYKVTSLPDISRFINTRFVYERIPGQPLYYASEEFVQGELFKIT
DTPYYNAWPQDKAFVYENVIYAPYMGSDRHGVSRLHVSWVKSGDDGQTWSTPEWLTDLHPDYPTVNYHCMSMGVCRNRLF
AMIETRTLAKNALTNCALWDRPMSRSLHLTGGITKAANQRYATIHVPDHGLFVGDFVNFSNSAVTGVSGDMTVATVIDKD
NFTVLTPNQQTSDLNNAGKNWHMGTSFHKSPWRKTDLGLIPSVTEVHSFATIDNNGFAMGYHQGDVAPREVGLFYFPDAF
NSPSNYVRRQIPSEYEPDASEPCIKYYDGVLYLITRGTRGDRLGSSLHRSRDIGQTWESLRFPHNVHHTTLPFAKVGDDL
IMFGSERAENEWEAGAPDDRYKASYPRTFYARLNVNNWNADDIEWVNITDQIYQGGIVNSGVGVGSVVVKDNYIYYMFGG
EDHFNPWTYGDNSAKDPFKSDGHPSDLYCYKMKIGPDNRVSRDFRYGAVPNRAVPVFFDTNGVRTVPAPMEFTGDLGLGH
VTIRASTSSNIRSEVLMEGEYGFIGKSIPTDNPAGQRIIFCGGEGTSSTTGAQITLYGANNTDSRRIVYNGDEHLFQSAD
VKPYNDNVTALGGPSNRFTTAYLGSNPIVT
;
_entity_poly.pdbx_strand_id   A
#
# COMPACT_ATOMS: atom_id res chain seq x y z
N VAL A 1 22.17 -59.02 4.42
CA VAL A 1 22.59 -57.71 5.02
C VAL A 1 21.37 -56.92 5.42
N PRO A 2 21.19 -56.58 6.69
CA PRO A 2 19.98 -55.87 7.12
C PRO A 2 19.97 -54.45 6.54
N ARG A 3 18.77 -53.89 6.26
CA ARG A 3 18.73 -52.49 5.88
C ARG A 3 18.10 -51.65 6.95
N GLY A 4 18.45 -50.38 7.11
CA GLY A 4 17.77 -49.61 8.16
C GLY A 4 16.61 -48.82 7.55
N SER A 5 15.59 -48.65 8.38
CA SER A 5 14.55 -47.78 7.95
C SER A 5 14.82 -46.38 8.36
N ALA A 6 14.01 -45.44 7.87
CA ALA A 6 14.18 -44.04 8.25
C ALA A 6 13.79 -43.89 9.69
N LYS A 7 14.60 -43.17 10.46
N LYS A 7 14.64 -43.18 10.44
CA LYS A 7 14.33 -43.00 11.87
CA LYS A 7 14.45 -42.99 11.86
C LYS A 7 13.53 -41.74 12.20
C LYS A 7 13.59 -41.75 12.18
N GLY A 8 13.73 -40.66 11.45
CA GLY A 8 13.00 -39.44 11.73
C GLY A 8 13.27 -38.89 13.10
N ASP A 9 14.53 -38.87 13.49
CA ASP A 9 14.93 -38.40 14.83
C ASP A 9 15.77 -37.14 14.73
N GLY A 10 15.97 -36.58 13.54
CA GLY A 10 16.74 -35.37 13.36
C GLY A 10 18.23 -35.57 13.49
N VAL A 11 18.72 -36.77 13.64
CA VAL A 11 20.14 -37.00 13.90
C VAL A 11 20.68 -38.09 13.00
N THR A 12 20.05 -39.28 13.00
CA THR A 12 20.42 -40.33 12.07
C THR A 12 20.35 -39.77 10.66
N ASP A 13 21.33 -40.12 9.85
CA ASP A 13 21.32 -39.74 8.44
C ASP A 13 20.32 -40.65 7.72
N ASP A 14 19.14 -40.11 7.43
CA ASP A 14 18.06 -40.86 6.79
C ASP A 14 18.14 -40.81 5.25
N THR A 15 19.21 -40.29 4.68
CA THR A 15 19.27 -40.12 3.23
C THR A 15 19.06 -41.44 2.52
N ALA A 16 19.79 -42.49 2.92
CA ALA A 16 19.72 -43.74 2.18
C ALA A 16 18.32 -44.33 2.27
N ALA A 17 17.72 -44.32 3.44
CA ALA A 17 16.39 -44.92 3.58
C ALA A 17 15.36 -44.15 2.81
N LEU A 18 15.44 -42.82 2.78
CA LEU A 18 14.48 -42.04 1.99
C LEU A 18 14.69 -42.26 0.53
N THR A 19 15.94 -42.33 0.03
CA THR A 19 16.17 -42.62 -1.36
C THR A 19 15.57 -43.96 -1.74
N SER A 20 15.76 -44.98 -0.92
N SER A 20 15.79 -44.96 -0.88
CA SER A 20 15.18 -46.28 -1.26
CA SER A 20 15.21 -46.28 -1.11
C SER A 20 13.67 -46.22 -1.21
C SER A 20 13.70 -46.20 -1.22
N ALA A 21 13.06 -45.52 -0.26
CA ALA A 21 11.60 -45.41 -0.27
C ALA A 21 11.13 -44.71 -1.55
N LEU A 22 11.77 -43.61 -1.94
CA LEU A 22 11.39 -42.94 -3.18
C LEU A 22 11.51 -43.86 -4.36
N ASN A 23 12.60 -44.59 -4.46
CA ASN A 23 12.80 -45.48 -5.62
C ASN A 23 11.78 -46.58 -5.67
N ASP A 24 11.29 -47.01 -4.50
CA ASP A 24 10.43 -48.18 -4.45
C ASP A 24 8.95 -47.81 -4.43
N THR A 25 8.60 -46.54 -4.45
CA THR A 25 7.19 -46.17 -4.31
CA THR A 25 7.22 -46.06 -4.28
C THR A 25 6.73 -45.39 -5.56
N PRO A 26 5.52 -45.56 -6.03
CA PRO A 26 5.04 -44.81 -7.20
C PRO A 26 5.15 -43.33 -6.99
N VAL A 27 5.43 -42.57 -8.09
CA VAL A 27 5.66 -41.12 -7.96
C VAL A 27 4.43 -40.36 -7.45
N GLY A 28 3.21 -40.93 -7.67
CA GLY A 28 2.02 -40.20 -7.25
C GLY A 28 1.65 -40.47 -5.79
N GLN A 29 2.29 -41.39 -5.11
CA GLN A 29 2.02 -41.65 -3.70
C GLN A 29 2.52 -40.45 -2.86
N LYS A 30 1.70 -40.00 -1.93
CA LYS A 30 2.10 -38.98 -0.95
C LYS A 30 2.74 -39.71 0.21
N ILE A 31 4.06 -39.56 0.40
CA ILE A 31 4.76 -40.28 1.46
C ILE A 31 4.62 -39.47 2.75
N ASN A 32 3.96 -40.06 3.75
CA ASN A 32 3.65 -39.34 4.99
C ASN A 32 4.82 -39.51 5.95
N GLY A 33 5.41 -38.39 6.35
CA GLY A 33 6.50 -38.41 7.30
C GLY A 33 6.08 -38.43 8.75
N ASN A 34 4.80 -38.47 9.02
CA ASN A 34 4.29 -38.62 10.39
CA ASN A 34 4.29 -38.62 10.38
C ASN A 34 4.72 -37.49 11.31
N GLY A 35 4.93 -36.31 10.72
CA GLY A 35 5.29 -35.14 11.50
C GLY A 35 6.71 -35.12 12.03
N LYS A 36 7.53 -36.06 11.62
CA LYS A 36 8.88 -36.17 12.11
C LYS A 36 9.84 -35.34 11.24
N THR A 37 11.04 -35.14 11.81
CA THR A 37 12.16 -34.46 11.15
C THR A 37 13.23 -35.47 10.76
N TYR A 38 13.63 -35.42 9.50
CA TYR A 38 14.55 -36.37 8.90
C TYR A 38 15.84 -35.65 8.48
N LYS A 39 16.94 -36.10 9.03
N LYS A 39 16.98 -36.02 9.02
CA LYS A 39 18.23 -35.51 8.63
CA LYS A 39 18.28 -35.54 8.56
C LYS A 39 18.66 -36.09 7.31
C LYS A 39 18.66 -36.16 7.23
N VAL A 40 19.09 -35.24 6.37
CA VAL A 40 19.51 -35.63 5.04
C VAL A 40 20.81 -34.89 4.70
N THR A 41 21.55 -35.43 3.73
CA THR A 41 22.74 -34.77 3.22
C THR A 41 22.53 -33.83 2.06
N SER A 42 21.37 -33.95 1.43
CA SER A 42 20.90 -33.19 0.28
CA SER A 42 20.88 -32.95 0.48
C SER A 42 19.38 -33.17 0.42
N LEU A 43 18.67 -32.13 -0.01
CA LEU A 43 17.20 -32.26 0.02
C LEU A 43 16.73 -33.22 -1.05
N PRO A 44 15.84 -34.14 -0.68
CA PRO A 44 15.30 -35.09 -1.66
C PRO A 44 14.16 -34.40 -2.44
N ASP A 45 13.37 -35.21 -3.13
CA ASP A 45 12.23 -34.69 -3.91
C ASP A 45 11.08 -34.36 -2.97
N ILE A 46 11.09 -33.14 -2.44
CA ILE A 46 10.20 -32.73 -1.34
C ILE A 46 8.75 -32.85 -1.75
N SER A 47 8.46 -32.64 -3.04
CA SER A 47 7.13 -32.69 -3.57
C SER A 47 6.39 -34.01 -3.35
N ARG A 48 7.14 -35.10 -3.15
CA ARG A 48 6.54 -36.42 -2.95
C ARG A 48 6.17 -36.73 -1.52
N PHE A 49 6.44 -35.81 -0.61
CA PHE A 49 6.15 -36.01 0.81
C PHE A 49 5.03 -35.09 1.26
N ILE A 50 4.30 -35.57 2.27
CA ILE A 50 3.40 -34.75 3.05
C ILE A 50 3.79 -34.89 4.52
N ASN A 51 3.48 -33.87 5.33
CA ASN A 51 3.62 -34.00 6.77
C ASN A 51 5.05 -34.46 7.16
N THR A 52 6.05 -33.84 6.51
CA THR A 52 7.46 -34.18 6.70
C THR A 52 8.26 -32.92 6.86
N ARG A 53 9.27 -32.94 7.76
CA ARG A 53 10.25 -31.88 7.83
C ARG A 53 11.63 -32.49 7.64
N PHE A 54 12.49 -31.80 6.91
CA PHE A 54 13.87 -32.19 6.71
C PHE A 54 14.79 -31.26 7.46
N VAL A 55 15.88 -31.79 8.00
CA VAL A 55 16.99 -30.93 8.51
C VAL A 55 18.21 -31.23 7.66
N TYR A 56 18.84 -30.15 7.21
CA TYR A 56 19.89 -30.22 6.25
C TYR A 56 20.87 -29.09 6.51
N GLU A 57 22.18 -29.41 6.45
CA GLU A 57 23.24 -28.40 6.59
C GLU A 57 23.84 -28.11 5.24
N ARG A 58 23.23 -27.19 4.49
CA ARG A 58 23.78 -26.73 3.23
C ARG A 58 25.22 -26.23 3.45
N ILE A 59 25.38 -25.47 4.50
CA ILE A 59 26.68 -25.06 5.04
C ILE A 59 26.93 -25.87 6.31
N PRO A 60 27.99 -26.65 6.34
CA PRO A 60 28.25 -27.47 7.56
C PRO A 60 28.25 -26.62 8.82
N GLY A 61 27.56 -27.11 9.83
CA GLY A 61 27.48 -26.40 11.05
C GLY A 61 26.27 -25.48 11.19
N GLN A 62 25.46 -25.38 10.14
CA GLN A 62 24.33 -24.44 10.08
C GLN A 62 23.08 -25.19 9.66
N PRO A 63 22.51 -26.03 10.53
CA PRO A 63 21.26 -26.77 10.17
C PRO A 63 20.13 -25.78 9.97
N LEU A 64 19.37 -26.03 8.92
CA LEU A 64 18.12 -25.33 8.67
C LEU A 64 17.08 -26.44 8.34
N TYR A 65 15.80 -26.05 8.45
CA TYR A 65 14.74 -27.02 8.36
C TYR A 65 13.85 -26.69 7.16
N TYR A 66 13.24 -27.70 6.57
CA TYR A 66 12.55 -27.57 5.28
C TYR A 66 11.25 -28.32 5.36
N ALA A 67 10.12 -27.64 5.12
CA ALA A 67 8.79 -28.23 5.25
C ALA A 67 8.27 -28.77 3.94
N SER A 68 7.80 -30.03 3.94
CA SER A 68 6.98 -30.51 2.86
C SER A 68 5.60 -29.86 2.97
N GLU A 69 4.78 -30.07 1.93
CA GLU A 69 3.37 -29.71 2.01
C GLU A 69 2.75 -30.43 3.21
N GLU A 70 1.84 -29.69 3.85
N GLU A 70 1.78 -29.79 3.87
CA GLU A 70 1.01 -30.02 4.97
CA GLU A 70 0.98 -30.45 4.90
C GLU A 70 1.71 -30.20 6.31
C GLU A 70 1.83 -30.74 6.15
N PHE A 71 3.01 -30.08 6.38
CA PHE A 71 3.70 -30.15 7.65
C PHE A 71 3.21 -29.05 8.61
N VAL A 72 3.09 -27.83 8.10
CA VAL A 72 2.37 -26.73 8.69
C VAL A 72 1.05 -26.59 8.01
N GLN A 73 -0.02 -26.17 8.72
CA GLN A 73 -1.24 -25.74 8.09
C GLN A 73 -1.05 -24.29 7.64
N GLY A 74 -0.73 -24.09 6.39
CA GLY A 74 -0.44 -22.75 5.90
C GLY A 74 -0.47 -22.75 4.40
N GLU A 75 -0.49 -21.54 3.84
CA GLU A 75 -0.60 -21.36 2.39
C GLU A 75 -0.06 -19.99 2.01
N LEU A 76 0.58 -19.90 0.84
CA LEU A 76 1.02 -18.63 0.28
C LEU A 76 -0.05 -18.07 -0.68
N PHE A 77 -0.25 -16.77 -0.59
CA PHE A 77 -1.10 -16.02 -1.51
C PHE A 77 -0.27 -14.95 -2.19
N LYS A 78 -0.57 -14.65 -3.48
CA LYS A 78 -0.11 -13.44 -4.12
C LYS A 78 -1.18 -12.36 -3.93
N ILE A 79 -0.77 -11.17 -3.47
CA ILE A 79 -1.76 -10.17 -3.04
C ILE A 79 -1.67 -8.83 -3.77
N THR A 80 -0.59 -8.54 -4.47
CA THR A 80 -0.59 -7.45 -5.46
C THR A 80 -0.11 -7.99 -6.81
N ASP A 81 -0.49 -7.28 -7.85
CA ASP A 81 -0.03 -7.62 -9.21
C ASP A 81 -0.11 -6.34 -10.05
N THR A 82 0.80 -5.40 -9.78
CA THR A 82 0.80 -4.10 -10.41
C THR A 82 2.18 -3.81 -11.00
N PRO A 83 2.28 -2.92 -11.99
CA PRO A 83 3.57 -2.68 -12.66
C PRO A 83 4.61 -1.91 -11.83
N TYR A 84 4.16 -1.24 -10.75
CA TYR A 84 5.13 -0.60 -9.87
C TYR A 84 6.03 -1.63 -9.22
N TYR A 85 7.17 -1.12 -8.71
CA TYR A 85 8.06 -1.84 -7.79
C TYR A 85 7.34 -1.86 -6.45
N ASN A 86 6.65 -2.97 -6.15
CA ASN A 86 5.84 -3.06 -4.95
C ASN A 86 6.59 -3.90 -3.91
N ALA A 87 7.00 -3.22 -2.86
CA ALA A 87 7.86 -3.86 -1.87
C ALA A 87 7.69 -3.15 -0.55
N TRP A 88 8.48 -3.59 0.43
CA TRP A 88 8.54 -2.94 1.73
C TRP A 88 7.20 -2.81 2.45
N PRO A 89 6.50 -3.93 2.74
CA PRO A 89 5.48 -3.86 3.79
C PRO A 89 6.09 -3.48 5.14
N GLN A 90 7.38 -3.73 5.32
CA GLN A 90 8.07 -3.42 6.56
C GLN A 90 7.73 -2.00 7.04
N ASP A 91 7.44 -1.81 8.31
CA ASP A 91 6.75 -2.77 9.19
C ASP A 91 5.45 -2.08 9.59
N LYS A 92 4.47 -2.17 8.69
CA LYS A 92 3.28 -1.31 8.69
C LYS A 92 1.95 -2.04 8.83
N ALA A 93 1.95 -3.38 8.71
CA ALA A 93 0.64 -4.06 8.63
C ALA A 93 -0.09 -4.01 9.95
N PHE A 94 -1.42 -4.08 9.88
CA PHE A 94 -2.26 -4.06 11.07
C PHE A 94 -3.61 -4.64 10.70
N VAL A 95 -4.38 -5.01 11.74
CA VAL A 95 -5.77 -5.44 11.60
C VAL A 95 -6.63 -4.45 12.32
N TYR A 96 -7.71 -4.00 11.69
CA TYR A 96 -8.62 -3.06 12.34
C TYR A 96 -10.02 -3.44 11.96
N GLU A 97 -10.86 -3.70 12.97
CA GLU A 97 -12.26 -4.01 12.82
C GLU A 97 -12.49 -4.95 11.64
N ASN A 98 -11.88 -6.09 11.70
CA ASN A 98 -12.04 -7.29 10.88
C ASN A 98 -11.34 -7.26 9.53
N VAL A 99 -10.69 -6.15 9.18
CA VAL A 99 -9.99 -5.99 7.91
C VAL A 99 -8.49 -6.06 8.13
N ILE A 100 -7.82 -6.84 7.28
CA ILE A 100 -6.36 -6.95 7.30
C ILE A 100 -5.77 -5.94 6.32
N TYR A 101 -4.88 -5.08 6.80
CA TYR A 101 -4.26 -4.04 5.99
C TYR A 101 -2.79 -4.40 5.77
N ALA A 102 -2.40 -4.36 4.48
CA ALA A 102 -1.03 -4.60 4.02
C ALA A 102 -0.51 -3.34 3.34
N PRO A 103 -0.02 -2.35 4.11
CA PRO A 103 0.58 -1.15 3.52
C PRO A 103 1.98 -1.47 2.99
N TYR A 104 2.41 -0.68 2.01
CA TYR A 104 3.67 -0.92 1.32
C TYR A 104 4.05 0.37 0.61
N MET A 105 5.15 0.33 -0.15
CA MET A 105 5.50 1.43 -1.04
C MET A 105 5.58 0.88 -2.45
N GLY A 106 4.89 1.60 -3.38
CA GLY A 106 4.97 1.28 -4.80
C GLY A 106 5.75 2.38 -5.48
N SER A 107 6.92 2.04 -6.00
CA SER A 107 7.84 3.03 -6.57
C SER A 107 8.29 2.53 -7.92
N ASP A 108 9.42 3.06 -8.43
CA ASP A 108 10.07 2.46 -9.61
C ASP A 108 11.44 1.87 -9.30
N ARG A 109 11.90 1.87 -8.04
CA ARG A 109 13.24 1.47 -7.66
C ARG A 109 13.35 1.48 -6.15
N HIS A 110 14.53 1.01 -5.66
CA HIS A 110 14.83 1.17 -4.22
CA HIS A 110 14.92 1.20 -4.27
CA HIS A 110 14.97 1.19 -4.30
C HIS A 110 15.25 2.66 -4.06
N GLY A 111 14.25 3.43 -3.75
CA GLY A 111 14.28 4.88 -3.73
C GLY A 111 12.88 5.39 -3.78
N VAL A 112 12.77 6.72 -3.72
CA VAL A 112 11.48 7.38 -3.61
C VAL A 112 10.97 7.93 -4.96
N SER A 113 11.65 7.69 -6.07
CA SER A 113 11.11 8.04 -7.38
C SER A 113 9.81 7.30 -7.65
N ARG A 114 8.83 8.04 -8.17
CA ARG A 114 7.51 7.55 -8.53
C ARG A 114 6.77 6.92 -7.37
N LEU A 115 7.16 7.21 -6.11
CA LEU A 115 6.66 6.46 -4.98
C LEU A 115 5.33 7.03 -4.46
N HIS A 116 4.41 6.07 -4.18
CA HIS A 116 3.25 6.33 -3.36
C HIS A 116 3.24 5.35 -2.19
N VAL A 117 3.08 5.83 -0.97
CA VAL A 117 2.76 4.94 0.15
C VAL A 117 1.37 4.41 -0.17
N SER A 118 1.18 3.11 -0.13
CA SER A 118 -0.02 2.44 -0.65
C SER A 118 -0.49 1.39 0.36
N TRP A 119 -1.71 0.87 0.14
CA TRP A 119 -2.06 -0.37 0.79
C TRP A 119 -2.98 -1.16 -0.13
N VAL A 120 -3.00 -2.49 0.15
CA VAL A 120 -4.10 -3.36 -0.21
C VAL A 120 -4.66 -3.94 1.09
N LYS A 121 -5.87 -4.42 1.07
CA LYS A 121 -6.64 -4.85 2.21
C LYS A 121 -7.33 -6.15 1.87
N SER A 122 -7.59 -6.96 2.90
CA SER A 122 -8.41 -8.17 2.73
C SER A 122 -9.62 -8.13 3.61
N GLY A 123 -10.78 -8.36 3.01
CA GLY A 123 -12.04 -8.46 3.70
C GLY A 123 -12.49 -9.87 3.94
N ASP A 124 -11.69 -10.86 3.68
CA ASP A 124 -12.12 -12.25 3.79
C ASP A 124 -11.01 -13.11 4.38
N ASP A 125 -10.29 -12.57 5.37
CA ASP A 125 -9.30 -13.32 6.10
C ASP A 125 -8.20 -13.80 5.16
N GLY A 126 -7.84 -12.98 4.18
CA GLY A 126 -6.69 -13.20 3.34
C GLY A 126 -6.88 -13.93 2.06
N GLN A 127 -8.10 -14.37 1.73
CA GLN A 127 -8.30 -15.08 0.47
C GLN A 127 -8.18 -14.18 -0.76
N THR A 128 -8.74 -12.96 -0.66
CA THR A 128 -8.70 -11.99 -1.73
C THR A 128 -8.36 -10.64 -1.17
N TRP A 129 -7.83 -9.78 -2.05
CA TRP A 129 -7.29 -8.48 -1.69
C TRP A 129 -7.86 -7.41 -2.60
N SER A 130 -7.85 -6.18 -2.10
CA SER A 130 -8.42 -5.04 -2.77
C SER A 130 -7.50 -4.41 -3.80
N THR A 131 -8.11 -3.51 -4.57
CA THR A 131 -7.40 -2.68 -5.52
C THR A 131 -6.49 -1.74 -4.73
N PRO A 132 -5.24 -1.54 -5.13
CA PRO A 132 -4.35 -0.64 -4.37
C PRO A 132 -4.95 0.76 -4.22
N GLU A 133 -4.70 1.31 -3.01
CA GLU A 133 -5.03 2.70 -2.67
C GLU A 133 -3.75 3.44 -2.40
N TRP A 134 -3.62 4.64 -3.00
CA TRP A 134 -2.54 5.56 -2.68
C TRP A 134 -2.92 6.35 -1.43
N LEU A 135 -2.07 6.28 -0.42
CA LEU A 135 -2.21 7.03 0.82
C LEU A 135 -1.51 8.38 0.78
N THR A 136 -0.46 8.49 -0.02
CA THR A 136 0.26 9.74 -0.25
C THR A 136 0.24 10.09 -1.71
N ASP A 137 0.21 11.41 -1.96
CA ASP A 137 0.52 11.99 -3.25
C ASP A 137 2.02 12.17 -3.41
N LEU A 138 2.47 12.46 -4.62
CA LEU A 138 3.87 12.91 -4.78
C LEU A 138 4.04 14.20 -3.94
N HIS A 139 5.20 14.32 -3.30
CA HIS A 139 5.48 15.51 -2.48
C HIS A 139 5.39 16.77 -3.32
N PRO A 140 4.97 17.89 -2.72
CA PRO A 140 4.92 19.14 -3.54
C PRO A 140 6.24 19.53 -4.17
N ASP A 141 7.38 19.14 -3.63
CA ASP A 141 8.69 19.48 -4.18
C ASP A 141 9.29 18.34 -4.99
N TYR A 142 8.52 17.37 -5.39
CA TYR A 142 8.94 16.35 -6.37
C TYR A 142 9.40 17.06 -7.62
N PRO A 143 10.43 16.69 -8.32
CA PRO A 143 11.27 15.49 -8.13
C PRO A 143 12.53 15.66 -7.28
N THR A 144 12.57 16.68 -6.44
CA THR A 144 13.75 16.78 -5.55
C THR A 144 13.63 15.80 -4.41
N VAL A 145 12.47 15.74 -3.79
CA VAL A 145 12.18 14.88 -2.65
C VAL A 145 10.82 14.20 -2.86
N ASN A 146 10.59 13.14 -2.06
CA ASN A 146 9.31 12.46 -2.07
C ASN A 146 9.15 11.74 -0.73
N TYR A 147 7.94 11.24 -0.48
CA TYR A 147 7.63 10.57 0.78
C TYR A 147 8.15 9.16 0.85
N HIS A 148 8.10 8.63 2.09
CA HIS A 148 8.57 7.29 2.43
C HIS A 148 7.95 6.93 3.79
N CYS A 149 7.64 5.66 4.00
CA CYS A 149 7.08 5.28 5.30
C CYS A 149 7.35 3.81 5.57
N MET A 150 7.90 3.53 6.76
CA MET A 150 8.09 2.18 7.27
C MET A 150 7.46 1.97 8.64
N SER A 151 6.70 2.96 9.16
CA SER A 151 6.08 2.84 10.48
C SER A 151 4.67 3.39 10.40
N MET A 152 3.68 2.52 10.72
CA MET A 152 2.28 2.82 10.68
C MET A 152 1.55 1.85 11.57
N GLY A 153 0.47 2.27 12.20
CA GLY A 153 -0.35 1.41 13.02
C GLY A 153 -1.53 2.22 13.55
N VAL A 154 -2.25 1.65 14.50
CA VAL A 154 -3.49 2.25 15.02
C VAL A 154 -3.37 2.43 16.53
N CYS A 155 -3.82 3.60 17.00
CA CYS A 155 -3.92 3.89 18.45
C CYS A 155 -5.24 4.63 18.64
N ARG A 156 -6.09 4.11 19.53
CA ARG A 156 -7.37 4.70 19.87
C ARG A 156 -8.15 5.16 18.64
N ASN A 157 -8.33 4.22 17.67
CA ASN A 157 -9.19 4.48 16.52
C ASN A 157 -8.65 5.49 15.53
N ARG A 158 -7.36 5.81 15.59
CA ARG A 158 -6.71 6.63 14.56
C ARG A 158 -5.52 5.83 13.99
N LEU A 159 -5.36 6.02 12.68
CA LEU A 159 -4.14 5.60 12.00
C LEU A 159 -3.07 6.65 12.31
N PHE A 160 -1.87 6.19 12.70
CA PHE A 160 -0.69 7.01 12.85
C PHE A 160 0.41 6.48 11.95
N ALA A 161 1.16 7.39 11.33
CA ALA A 161 2.23 6.99 10.41
C ALA A 161 3.36 8.01 10.55
N MET A 162 4.60 7.51 10.49
CA MET A 162 5.76 8.39 10.37
C MET A 162 6.03 8.58 8.87
N ILE A 163 5.63 9.75 8.35
CA ILE A 163 5.80 10.09 6.95
C ILE A 163 7.09 10.87 6.81
N GLU A 164 8.06 10.23 6.19
CA GLU A 164 9.38 10.80 5.98
C GLU A 164 9.40 11.45 4.62
N THR A 165 10.26 12.50 4.48
CA THR A 165 10.64 13.07 3.22
C THR A 165 12.08 12.71 2.95
N ARG A 166 12.39 12.22 1.75
CA ARG A 166 13.72 11.79 1.39
C ARG A 166 14.06 12.30 0.02
N THR A 167 15.37 12.44 -0.25
CA THR A 167 15.81 12.90 -1.58
C THR A 167 15.71 11.76 -2.59
N LEU A 168 15.32 12.15 -3.81
CA LEU A 168 15.39 11.20 -4.91
C LEU A 168 16.82 10.84 -5.21
N ALA A 169 17.76 11.79 -5.10
CA ALA A 169 19.11 11.53 -5.58
C ALA A 169 19.84 10.48 -4.75
N LYS A 170 19.70 10.43 -3.44
CA LYS A 170 20.46 9.61 -2.51
C LYS A 170 19.60 8.92 -1.46
N ASN A 171 18.26 9.08 -1.47
CA ASN A 171 17.41 8.50 -0.44
C ASN A 171 17.77 8.97 0.93
N ALA A 172 18.23 10.26 1.00
CA ALA A 172 18.64 10.84 2.29
C ALA A 172 17.42 11.46 2.97
N LEU A 173 17.28 11.20 4.27
CA LEU A 173 16.18 11.76 5.06
C LEU A 173 16.33 13.27 5.23
N THR A 174 15.25 14.00 4.94
CA THR A 174 15.25 15.44 5.12
C THR A 174 14.21 15.92 6.12
N ASN A 175 13.18 15.13 6.45
CA ASN A 175 12.13 15.56 7.36
C ASN A 175 11.40 14.34 7.86
N CYS A 176 10.95 14.40 9.09
CA CYS A 176 10.00 13.45 9.71
C CYS A 176 8.74 14.19 10.13
N ALA A 177 7.58 13.60 9.79
CA ALA A 177 6.31 14.14 10.25
C ALA A 177 5.42 13.00 10.70
N LEU A 178 4.73 13.23 11.82
CA LEU A 178 3.70 12.29 12.27
C LEU A 178 2.38 12.67 11.62
N TRP A 179 1.81 11.77 10.81
CA TRP A 179 0.52 12.01 10.20
C TRP A 179 -0.49 11.08 10.85
N ASP A 180 -1.69 11.59 11.16
CA ASP A 180 -2.69 10.72 11.73
C ASP A 180 -4.08 11.10 11.25
N ARG A 181 -5.01 10.14 11.28
CA ARG A 181 -6.34 10.30 10.68
C ARG A 181 -7.27 9.33 11.38
N PRO A 182 -8.52 9.69 11.60
CA PRO A 182 -9.45 8.72 12.20
C PRO A 182 -9.74 7.61 11.25
N MET A 183 -9.89 6.36 11.79
CA MET A 183 -10.30 5.24 10.98
C MET A 183 -11.82 5.25 10.78
N SER A 184 -12.28 4.77 9.64
CA SER A 184 -13.70 4.64 9.36
CA SER A 184 -13.71 4.69 9.39
C SER A 184 -14.30 3.55 10.21
N ARG A 185 -15.47 3.82 10.81
CA ARG A 185 -16.19 2.97 11.70
CA ARG A 185 -16.21 2.78 11.51
C ARG A 185 -17.68 3.21 11.57
N SER A 186 -18.51 2.19 11.77
CA SER A 186 -19.93 2.36 12.06
CA SER A 186 -19.93 2.38 12.04
C SER A 186 -20.21 1.93 13.47
N LEU A 187 -20.87 2.76 14.24
CA LEU A 187 -21.18 2.47 15.64
C LEU A 187 -22.69 2.39 15.77
N HIS A 188 -23.15 1.40 16.52
N HIS A 188 -23.19 1.38 16.46
CA HIS A 188 -24.56 1.17 16.76
CA HIS A 188 -24.59 1.18 16.76
C HIS A 188 -24.76 1.36 18.26
C HIS A 188 -24.62 1.47 18.27
N LEU A 189 -25.30 2.52 18.65
CA LEU A 189 -25.25 3.01 20.01
C LEU A 189 -26.65 3.21 20.61
N THR A 190 -26.69 3.27 21.92
CA THR A 190 -27.98 3.57 22.62
C THR A 190 -27.75 4.77 23.51
N GLY A 191 -28.52 5.83 23.28
CA GLY A 191 -28.39 7.05 24.08
C GLY A 191 -27.09 7.79 23.83
N GLY A 192 -26.83 8.83 24.63
CA GLY A 192 -25.60 9.53 24.58
C GLY A 192 -25.59 10.87 23.88
N ILE A 193 -26.74 11.28 23.34
CA ILE A 193 -26.85 12.54 22.63
C ILE A 193 -27.77 13.46 23.43
N THR A 194 -27.25 14.63 23.78
CA THR A 194 -28.03 15.67 24.48
C THR A 194 -27.90 16.99 23.75
N LYS A 195 -28.95 17.78 23.83
CA LYS A 195 -28.98 19.09 23.19
C LYS A 195 -29.78 20.06 24.08
N ALA A 196 -29.10 21.01 24.65
CA ALA A 196 -29.73 21.89 25.64
C ALA A 196 -30.66 22.83 24.90
N ALA A 197 -31.78 23.18 25.53
CA ALA A 197 -32.70 24.10 24.92
C ALA A 197 -32.07 25.44 24.52
N ASN A 198 -32.63 26.03 23.43
CA ASN A 198 -32.40 27.40 23.04
C ASN A 198 -30.94 27.67 22.62
N GLN A 199 -30.25 26.63 22.19
CA GLN A 199 -28.97 26.75 21.53
C GLN A 199 -28.81 25.63 20.50
N ARG A 200 -27.72 25.72 19.75
CA ARG A 200 -27.62 24.88 18.55
C ARG A 200 -26.70 23.68 18.62
N TYR A 201 -25.90 23.52 19.65
CA TYR A 201 -24.92 22.43 19.75
C TYR A 201 -25.52 21.22 20.43
N ALA A 202 -24.99 20.04 20.01
CA ALA A 202 -25.34 18.79 20.68
C ALA A 202 -24.03 18.13 21.18
N THR A 203 -24.14 17.52 22.34
CA THR A 203 -23.12 16.74 23.02
CA THR A 203 -23.04 16.75 22.90
C THR A 203 -23.26 15.27 22.65
N ILE A 204 -22.20 14.64 22.12
CA ILE A 204 -22.19 13.25 21.69
C ILE A 204 -21.24 12.46 22.56
N HIS A 205 -21.76 11.46 23.30
CA HIS A 205 -20.97 10.61 24.15
C HIS A 205 -20.58 9.34 23.38
N VAL A 206 -19.31 9.21 23.05
CA VAL A 206 -18.71 8.08 22.35
C VAL A 206 -17.39 7.80 23.03
N PRO A 207 -17.31 6.80 23.89
CA PRO A 207 -16.05 6.46 24.54
C PRO A 207 -14.89 6.29 23.57
N ASP A 208 -13.77 6.86 23.89
CA ASP A 208 -12.53 6.67 23.13
C ASP A 208 -12.73 6.95 21.66
N HIS A 209 -13.41 8.03 21.33
CA HIS A 209 -13.82 8.30 19.92
C HIS A 209 -12.59 8.54 19.06
N GLY A 210 -11.54 9.13 19.59
CA GLY A 210 -10.34 9.40 18.80
C GLY A 210 -10.48 10.46 17.73
N LEU A 211 -11.51 11.30 17.81
CA LEU A 211 -11.78 12.34 16.83
C LEU A 211 -11.23 13.67 17.32
N PHE A 212 -10.91 14.52 16.32
CA PHE A 212 -10.49 15.90 16.54
C PHE A 212 -11.49 16.84 15.87
N VAL A 213 -11.43 18.12 16.30
CA VAL A 213 -12.19 19.17 15.66
C VAL A 213 -11.97 19.09 14.15
N GLY A 214 -13.08 19.18 13.41
CA GLY A 214 -13.05 19.11 11.97
C GLY A 214 -13.18 17.76 11.36
N ASP A 215 -13.10 16.68 12.15
CA ASP A 215 -13.26 15.34 11.62
C ASP A 215 -14.71 15.06 11.28
N PHE A 216 -14.96 14.19 10.34
CA PHE A 216 -16.23 13.81 9.81
C PHE A 216 -17.00 12.93 10.80
N VAL A 217 -18.30 13.21 10.96
N VAL A 217 -18.30 13.22 10.94
CA VAL A 217 -19.21 12.34 11.70
CA VAL A 217 -19.17 12.30 11.67
C VAL A 217 -20.55 12.35 10.97
C VAL A 217 -20.59 12.33 11.12
N ASN A 218 -21.12 11.17 10.78
CA ASN A 218 -22.44 11.01 10.17
C ASN A 218 -23.40 10.40 11.20
N PHE A 219 -24.63 10.92 11.23
CA PHE A 219 -25.62 10.48 12.18
C PHE A 219 -26.86 9.95 11.46
N SER A 220 -27.42 8.87 11.98
CA SER A 220 -28.70 8.35 11.53
CA SER A 220 -28.68 8.29 11.54
C SER A 220 -29.55 7.92 12.73
N ASN A 221 -30.84 8.23 12.67
CA ASN A 221 -31.79 7.79 13.70
C ASN A 221 -31.51 8.38 15.06
N SER A 222 -30.88 9.54 15.15
CA SER A 222 -30.44 10.05 16.46
C SER A 222 -31.60 10.36 17.39
N ALA A 223 -32.77 10.66 16.84
CA ALA A 223 -33.91 11.13 17.65
C ALA A 223 -33.63 12.45 18.36
N VAL A 224 -32.73 13.25 17.91
CA VAL A 224 -32.33 14.56 18.36
C VAL A 224 -32.33 15.51 17.16
N THR A 225 -33.26 16.46 17.15
CA THR A 225 -33.43 17.37 16.03
C THR A 225 -32.11 18.08 15.68
N GLY A 226 -31.80 18.01 14.38
CA GLY A 226 -30.59 18.67 13.88
C GLY A 226 -29.33 17.82 13.95
N VAL A 227 -29.35 16.71 14.65
CA VAL A 227 -28.20 15.78 14.71
C VAL A 227 -28.52 14.71 13.66
N SER A 228 -28.06 14.91 12.45
CA SER A 228 -28.49 14.05 11.34
CA SER A 228 -28.56 14.15 11.30
C SER A 228 -27.61 14.31 10.12
N GLY A 229 -27.34 13.22 9.43
CA GLY A 229 -26.59 13.34 8.17
C GLY A 229 -25.12 13.63 8.43
N ASP A 230 -24.47 14.14 7.38
CA ASP A 230 -23.03 14.41 7.41
C ASP A 230 -22.77 15.70 8.20
N MET A 231 -21.96 15.60 9.21
CA MET A 231 -21.60 16.69 10.12
C MET A 231 -20.08 16.66 10.38
N THR A 232 -19.61 17.59 11.20
CA THR A 232 -18.22 17.59 11.58
CA THR A 232 -18.24 17.78 11.58
C THR A 232 -18.15 17.88 13.09
N VAL A 233 -17.02 17.49 13.70
CA VAL A 233 -16.78 17.74 15.10
C VAL A 233 -16.47 19.23 15.30
N ALA A 234 -17.28 19.90 16.16
CA ALA A 234 -17.09 21.31 16.46
C ALA A 234 -16.12 21.53 17.62
N THR A 235 -16.21 20.71 18.67
CA THR A 235 -15.33 20.76 19.82
C THR A 235 -15.12 19.32 20.30
N VAL A 236 -14.05 19.10 20.98
CA VAL A 236 -13.77 17.89 21.78
C VAL A 236 -13.78 18.28 23.23
N ILE A 237 -14.68 17.73 24.02
CA ILE A 237 -14.73 18.02 25.45
C ILE A 237 -13.68 17.23 26.22
N ASP A 238 -13.66 15.92 25.94
CA ASP A 238 -12.73 15.00 26.55
C ASP A 238 -12.64 13.78 25.65
N LYS A 239 -11.91 12.75 26.10
CA LYS A 239 -11.67 11.61 25.18
C LYS A 239 -12.94 10.82 24.87
N ASP A 240 -14.01 11.04 25.63
CA ASP A 240 -15.26 10.32 25.52
C ASP A 240 -16.44 11.16 25.03
N ASN A 241 -16.24 12.49 24.76
CA ASN A 241 -17.36 13.35 24.47
C ASN A 241 -16.92 14.46 23.52
N PHE A 242 -17.76 14.78 22.53
CA PHE A 242 -17.51 15.87 21.61
C PHE A 242 -18.83 16.57 21.29
N THR A 243 -18.73 17.72 20.64
CA THR A 243 -19.93 18.39 20.21
C THR A 243 -19.97 18.62 18.71
N VAL A 244 -21.19 18.81 18.21
CA VAL A 244 -21.46 19.17 16.83
C VAL A 244 -22.38 20.39 16.83
N LEU A 245 -22.26 21.18 15.75
CA LEU A 245 -23.13 22.32 15.54
C LEU A 245 -24.30 21.86 14.67
N THR A 246 -25.53 21.94 15.16
CA THR A 246 -26.71 21.65 14.38
C THR A 246 -27.26 22.94 13.76
N PRO A 247 -28.17 22.80 12.75
CA PRO A 247 -28.71 24.01 12.13
C PRO A 247 -29.84 24.69 12.91
N ASN A 248 -30.25 24.20 14.07
CA ASN A 248 -31.47 24.74 14.66
C ASN A 248 -31.47 24.60 16.18
N GLN A 249 -32.52 25.13 16.81
CA GLN A 249 -32.62 25.09 18.27
C GLN A 249 -34.10 24.94 18.67
N GLN A 250 -34.33 24.31 19.81
CA GLN A 250 -35.65 23.93 20.31
C GLN A 250 -35.84 24.56 21.67
N THR A 251 -37.12 24.67 22.12
CA THR A 251 -37.34 25.34 23.39
C THR A 251 -37.31 24.36 24.55
N SER A 252 -37.09 23.11 24.34
CA SER A 252 -37.04 22.03 25.30
C SER A 252 -35.70 21.31 25.14
N ASP A 253 -35.11 20.83 26.23
CA ASP A 253 -33.90 19.97 26.17
C ASP A 253 -34.26 18.65 25.52
N LEU A 254 -33.29 18.11 24.79
CA LEU A 254 -33.44 16.86 24.08
C LEU A 254 -32.39 15.88 24.61
N ASN A 255 -32.78 14.62 24.67
CA ASN A 255 -31.88 13.59 25.20
C ASN A 255 -32.31 12.27 24.65
N ASN A 256 -31.50 11.54 23.88
CA ASN A 256 -31.96 10.28 23.26
C ASN A 256 -31.67 9.06 24.13
N ALA A 257 -31.60 9.24 25.46
CA ALA A 257 -31.41 8.11 26.35
C ALA A 257 -32.40 6.97 26.01
N GLY A 258 -31.86 5.75 25.94
CA GLY A 258 -32.66 4.57 25.66
C GLY A 258 -32.99 4.32 24.20
N LYS A 259 -32.57 5.22 23.30
CA LYS A 259 -32.90 5.08 21.92
C LYS A 259 -31.70 4.62 21.12
N ASN A 260 -31.92 3.73 20.17
CA ASN A 260 -30.84 3.18 19.35
C ASN A 260 -30.62 4.03 18.12
N TRP A 261 -29.34 4.32 17.81
CA TRP A 261 -28.99 5.16 16.70
C TRP A 261 -27.63 4.70 16.15
N HIS A 262 -27.19 5.42 15.08
CA HIS A 262 -25.99 4.99 14.38
C HIS A 262 -25.10 6.20 14.12
N MET A 263 -23.81 6.00 14.31
CA MET A 263 -22.79 7.00 13.99
C MET A 263 -21.80 6.37 13.00
N GLY A 264 -21.28 7.21 12.11
CA GLY A 264 -20.18 6.82 11.26
C GLY A 264 -19.09 7.84 11.26
N THR A 265 -17.86 7.34 11.23
CA THR A 265 -16.65 8.15 11.05
C THR A 265 -16.10 7.87 9.69
N SER A 266 -15.11 8.67 9.24
CA SER A 266 -14.53 8.48 7.89
C SER A 266 -13.10 8.92 7.82
N PHE A 267 -12.24 7.96 7.44
CA PHE A 267 -10.85 8.24 7.09
C PHE A 267 -10.80 9.17 5.90
N HIS A 268 -11.56 8.86 4.84
CA HIS A 268 -11.50 9.60 3.60
C HIS A 268 -11.99 11.04 3.70
N LYS A 269 -12.99 11.32 4.50
CA LYS A 269 -13.57 12.65 4.60
C LYS A 269 -13.01 13.45 5.78
N SER A 270 -12.01 12.97 6.46
CA SER A 270 -11.35 13.70 7.55
C SER A 270 -9.95 14.04 7.06
N PRO A 271 -9.43 15.22 7.40
CA PRO A 271 -8.05 15.53 6.99
C PRO A 271 -7.05 14.79 7.85
N TRP A 272 -5.85 14.64 7.32
CA TRP A 272 -4.72 14.28 8.14
C TRP A 272 -4.45 15.40 9.14
N ARG A 273 -4.10 15.02 10.39
CA ARG A 273 -3.35 15.92 11.27
C ARG A 273 -1.89 15.61 10.98
N LYS A 274 -1.12 16.67 10.70
CA LYS A 274 0.28 16.54 10.33
C LYS A 274 1.12 17.30 11.36
N THR A 275 2.00 16.62 12.05
CA THR A 275 2.85 17.22 13.07
C THR A 275 4.28 17.15 12.61
N ASP A 276 4.88 18.29 12.29
CA ASP A 276 6.24 18.34 11.78
C ASP A 276 7.17 18.11 12.94
N LEU A 277 8.01 17.07 12.84
CA LEU A 277 9.02 16.79 13.82
C LEU A 277 10.42 17.25 13.42
N GLY A 278 10.51 17.87 12.25
CA GLY A 278 11.79 18.31 11.71
C GLY A 278 12.67 17.16 11.25
N LEU A 279 13.92 17.48 11.01
CA LEU A 279 14.91 16.40 10.75
C LEU A 279 15.41 15.86 12.07
N ILE A 280 14.75 14.81 12.55
CA ILE A 280 15.10 14.27 13.87
C ILE A 280 16.54 13.88 13.81
N PRO A 281 17.37 14.34 14.76
CA PRO A 281 18.82 14.05 14.63
C PRO A 281 19.12 12.56 14.83
N SER A 282 20.20 12.10 14.23
CA SER A 282 20.67 10.74 14.38
CA SER A 282 20.67 10.73 14.37
C SER A 282 19.58 9.71 14.10
N VAL A 283 18.96 9.87 12.92
CA VAL A 283 17.95 8.95 12.40
C VAL A 283 18.22 8.73 10.92
N THR A 284 18.27 7.48 10.50
CA THR A 284 18.27 7.09 9.10
C THR A 284 16.85 6.70 8.62
N GLU A 285 16.15 5.86 9.36
CA GLU A 285 14.82 5.39 9.04
C GLU A 285 14.02 5.21 10.35
N VAL A 286 12.74 5.52 10.31
CA VAL A 286 11.76 5.15 11.32
C VAL A 286 11.01 3.92 10.78
N HIS A 287 10.82 2.90 11.62
CA HIS A 287 10.44 1.58 11.16
C HIS A 287 9.73 0.85 12.32
N SER A 288 8.55 0.28 12.02
CA SER A 288 7.78 -0.55 12.97
C SER A 288 7.02 0.32 13.96
N PHE A 289 5.96 -0.30 14.51
CA PHE A 289 4.99 0.39 15.33
C PHE A 289 4.47 -0.57 16.39
N ALA A 290 4.48 -0.10 17.67
CA ALA A 290 3.93 -0.85 18.77
C ALA A 290 2.94 0.02 19.53
N THR A 291 1.63 -0.29 19.42
CA THR A 291 0.67 0.38 20.27
C THR A 291 0.94 0.05 21.73
N ILE A 292 1.03 1.05 22.58
CA ILE A 292 1.31 0.82 24.01
C ILE A 292 0.03 0.79 24.82
N ASP A 293 -0.85 1.80 24.63
CA ASP A 293 -2.06 1.91 25.42
C ASP A 293 -3.04 2.85 24.71
N ASN A 294 -4.03 3.37 25.42
CA ASN A 294 -5.06 4.18 24.84
C ASN A 294 -4.55 5.58 24.47
N ASN A 295 -3.30 5.92 24.87
CA ASN A 295 -2.77 7.27 24.70
C ASN A 295 -1.61 7.36 23.72
N GLY A 296 -0.89 6.27 23.50
CA GLY A 296 0.32 6.36 22.70
C GLY A 296 0.90 5.06 22.28
N PHE A 297 2.13 5.15 21.77
CA PHE A 297 2.72 4.09 20.99
C PHE A 297 4.22 4.35 20.88
N ALA A 298 4.95 3.33 20.39
CA ALA A 298 6.34 3.46 20.07
C ALA A 298 6.55 3.18 18.57
N MET A 299 7.62 3.79 18.03
CA MET A 299 8.07 3.56 16.65
C MET A 299 9.53 3.20 16.69
N GLY A 300 9.94 2.19 15.94
CA GLY A 300 11.35 1.85 15.92
C GLY A 300 12.18 2.80 15.08
N TYR A 301 13.50 2.79 15.28
CA TYR A 301 14.36 3.58 14.42
C TYR A 301 15.76 2.99 14.42
N HIS A 302 16.56 3.42 13.41
CA HIS A 302 17.99 3.22 13.48
C HIS A 302 18.68 4.40 12.80
N GLN A 303 19.96 4.53 13.13
CA GLN A 303 20.90 5.45 12.47
C GLN A 303 22.04 4.56 12.00
N GLY A 304 22.28 4.57 10.71
CA GLY A 304 23.29 3.74 10.09
C GLY A 304 24.16 4.35 9.04
N ASP A 305 24.06 5.69 8.88
CA ASP A 305 24.85 6.38 7.82
C ASP A 305 26.25 6.68 8.30
N VAL A 306 26.47 6.97 9.59
CA VAL A 306 27.77 7.28 10.10
C VAL A 306 27.93 6.48 11.39
N ALA A 307 29.19 6.25 11.78
CA ALA A 307 29.49 5.60 13.05
C ALA A 307 29.32 6.57 14.20
N PRO A 308 28.83 6.14 15.36
CA PRO A 308 28.34 4.81 15.65
C PRO A 308 26.85 4.66 15.34
N ARG A 309 26.50 3.44 14.94
CA ARG A 309 25.13 3.16 14.73
C ARG A 309 24.32 3.40 16.04
N GLU A 310 23.05 3.74 15.89
CA GLU A 310 22.03 3.62 16.91
C GLU A 310 20.93 2.68 16.44
N VAL A 311 20.32 1.97 17.36
CA VAL A 311 19.06 1.22 17.12
C VAL A 311 18.20 1.39 18.32
N GLY A 312 16.92 1.69 18.16
CA GLY A 312 16.07 1.85 19.32
C GLY A 312 14.65 2.12 18.94
N LEU A 313 13.97 2.88 19.81
CA LEU A 313 12.59 3.28 19.59
C LEU A 313 12.42 4.71 20.02
N PHE A 314 11.36 5.33 19.50
CA PHE A 314 10.81 6.61 19.98
C PHE A 314 9.46 6.29 20.59
N TYR A 315 9.28 6.66 21.87
CA TYR A 315 8.00 6.48 22.55
C TYR A 315 7.27 7.79 22.63
N PHE A 316 6.03 7.79 22.13
CA PHE A 316 5.11 8.93 22.15
C PHE A 316 4.10 8.65 23.22
N PRO A 317 4.29 9.16 24.46
CA PRO A 317 3.40 8.69 25.52
C PRO A 317 1.98 9.20 25.41
N ASP A 318 1.75 10.37 24.85
CA ASP A 318 0.41 10.94 24.68
C ASP A 318 0.37 11.58 23.29
N ALA A 319 0.14 10.67 22.31
CA ALA A 319 0.15 11.17 20.91
C ALA A 319 -1.08 12.00 20.56
N PHE A 320 -2.12 11.92 21.40
CA PHE A 320 -3.33 12.67 21.14
C PHE A 320 -3.16 14.12 21.52
N ASN A 321 -2.78 14.40 22.76
CA ASN A 321 -2.56 15.81 23.17
C ASN A 321 -1.23 16.36 22.73
N SER A 322 -0.22 15.50 22.62
CA SER A 322 1.16 15.95 22.46
C SER A 322 1.87 15.15 21.39
N PRO A 323 1.45 15.22 20.13
CA PRO A 323 2.09 14.43 19.04
C PRO A 323 3.56 14.79 18.81
N SER A 324 4.02 15.97 19.23
CA SER A 324 5.41 16.32 19.01
CA SER A 324 5.37 16.46 19.11
C SER A 324 6.34 15.86 20.13
N ASN A 325 5.80 15.22 21.17
CA ASN A 325 6.60 14.86 22.36
C ASN A 325 6.91 13.35 22.34
N TYR A 326 8.19 13.04 22.29
CA TYR A 326 8.62 11.63 22.26
C TYR A 326 9.94 11.53 22.98
N VAL A 327 10.30 10.33 23.35
CA VAL A 327 11.56 10.03 24.03
C VAL A 327 12.26 8.91 23.29
N ARG A 328 13.57 9.10 23.11
CA ARG A 328 14.46 8.18 22.43
CA ARG A 328 14.44 8.16 22.42
C ARG A 328 15.02 7.15 23.40
N ARG A 329 14.90 5.87 23.08
CA ARG A 329 15.41 4.79 23.90
C ARG A 329 16.20 3.81 23.04
N GLN A 330 17.47 3.67 23.29
CA GLN A 330 18.34 2.78 22.51
C GLN A 330 18.41 1.41 23.13
N ILE A 331 18.62 0.41 22.31
CA ILE A 331 19.03 -0.93 22.76
CA ILE A 331 19.02 -0.93 22.77
C ILE A 331 20.48 -0.88 23.28
N PRO A 332 20.93 -1.90 24.01
CA PRO A 332 22.31 -1.88 24.55
C PRO A 332 23.34 -1.74 23.46
N SER A 333 24.39 -1.03 23.76
CA SER A 333 25.35 -0.68 22.71
CA SER A 333 25.43 -0.70 22.81
CA SER A 333 25.40 -0.68 22.78
C SER A 333 26.03 -1.89 22.07
N GLU A 334 26.18 -3.01 22.75
CA GLU A 334 26.80 -4.16 22.11
C GLU A 334 26.01 -4.69 20.94
N TYR A 335 24.74 -4.39 20.87
CA TYR A 335 23.87 -4.93 19.83
C TYR A 335 23.58 -3.95 18.70
N GLU A 336 24.13 -2.73 18.80
CA GLU A 336 23.93 -1.71 17.78
C GLU A 336 24.83 -1.82 16.55
N PRO A 337 26.05 -2.36 16.63
CA PRO A 337 26.84 -2.47 15.40
C PRO A 337 26.14 -3.37 14.38
N ASP A 338 26.29 -3.07 13.12
CA ASP A 338 25.78 -3.92 12.05
C ASP A 338 24.29 -4.22 12.21
N ALA A 339 23.51 -3.24 12.64
CA ALA A 339 22.11 -3.48 12.96
C ALA A 339 21.25 -2.35 12.43
N SER A 340 20.00 -2.68 12.07
CA SER A 340 19.07 -1.69 11.54
C SER A 340 17.65 -2.16 11.76
N GLU A 341 16.71 -1.27 11.38
CA GLU A 341 15.31 -1.62 11.11
C GLU A 341 14.72 -2.57 12.12
N PRO A 342 14.60 -2.12 13.38
CA PRO A 342 14.03 -2.98 14.42
C PRO A 342 12.52 -3.14 14.24
N CYS A 343 12.04 -4.36 14.51
CA CYS A 343 10.60 -4.62 14.65
C CYS A 343 10.24 -4.61 16.12
N ILE A 344 9.18 -3.91 16.49
CA ILE A 344 8.80 -3.79 17.89
C ILE A 344 7.31 -4.11 18.05
N LYS A 345 6.96 -4.85 19.12
CA LYS A 345 5.58 -5.09 19.52
C LYS A 345 5.53 -5.17 21.02
N TYR A 346 4.33 -4.90 21.56
CA TYR A 346 4.10 -4.80 23.01
C TYR A 346 3.00 -5.74 23.40
N TYR A 347 3.29 -6.61 24.36
CA TYR A 347 2.34 -7.58 24.84
C TYR A 347 2.46 -7.79 26.35
N ASP A 348 1.34 -7.63 27.06
CA ASP A 348 1.29 -7.87 28.50
C ASP A 348 2.41 -7.15 29.25
N GLY A 349 2.60 -5.87 28.93
CA GLY A 349 3.59 -5.10 29.64
C GLY A 349 5.03 -5.26 29.23
N VAL A 350 5.28 -6.03 28.16
CA VAL A 350 6.64 -6.31 27.69
C VAL A 350 6.77 -5.81 26.26
N LEU A 351 7.78 -4.96 26.03
CA LEU A 351 8.17 -4.48 24.72
C LEU A 351 9.25 -5.40 24.18
N TYR A 352 8.99 -6.02 23.02
CA TYR A 352 9.94 -6.88 22.36
C TYR A 352 10.47 -6.15 21.12
N LEU A 353 11.76 -6.32 20.84
CA LEU A 353 12.43 -5.67 19.72
C LEU A 353 13.37 -6.66 19.04
N ILE A 354 13.27 -6.80 17.73
CA ILE A 354 14.18 -7.67 16.98
C ILE A 354 14.86 -6.89 15.88
N THR A 355 16.18 -6.93 15.81
CA THR A 355 16.94 -6.18 14.81
C THR A 355 17.14 -6.95 13.52
N ARG A 356 17.44 -6.18 12.45
CA ARG A 356 18.01 -6.68 11.22
C ARG A 356 19.53 -6.60 11.31
N GLY A 357 20.21 -7.67 10.92
CA GLY A 357 21.67 -7.65 10.79
C GLY A 357 22.05 -7.21 9.42
N THR A 358 23.18 -6.44 9.30
CA THR A 358 23.55 -5.91 8.00
C THR A 358 24.60 -6.73 7.28
N ARG A 359 25.23 -7.69 7.97
CA ARG A 359 26.37 -8.39 7.44
C ARG A 359 26.36 -9.83 7.77
N GLY A 360 26.62 -10.73 6.81
CA GLY A 360 26.67 -12.14 7.10
C GLY A 360 27.92 -12.63 7.79
N ASP A 361 28.92 -11.73 7.89
CA ASP A 361 30.21 -12.07 8.48
C ASP A 361 30.41 -11.37 9.81
N ARG A 362 29.39 -10.77 10.40
CA ARG A 362 29.45 -10.21 11.73
C ARG A 362 28.18 -10.57 12.47
N LEU A 363 28.20 -10.48 13.80
CA LEU A 363 27.03 -10.85 14.58
C LEU A 363 25.82 -10.12 14.09
N GLY A 364 24.70 -10.83 14.01
CA GLY A 364 23.51 -10.38 13.28
C GLY A 364 22.34 -10.08 14.20
N SER A 365 21.12 -10.37 13.68
CA SER A 365 19.91 -10.09 14.38
C SER A 365 19.97 -10.49 15.87
N SER A 366 19.40 -9.64 16.70
CA SER A 366 19.28 -9.86 18.12
C SER A 366 17.86 -9.50 18.57
N LEU A 367 17.46 -10.08 19.70
CA LEU A 367 16.15 -9.96 20.30
C LEU A 367 16.29 -9.39 21.70
N HIS A 368 15.37 -8.47 22.02
CA HIS A 368 15.43 -7.70 23.27
C HIS A 368 14.04 -7.58 23.87
N ARG A 369 13.95 -7.60 25.19
CA ARG A 369 12.67 -7.41 25.86
C ARG A 369 12.88 -6.40 27.02
N SER A 370 11.82 -5.62 27.25
CA SER A 370 11.82 -4.58 28.27
C SER A 370 10.49 -4.46 28.95
N ARG A 371 10.57 -4.25 30.29
CA ARG A 371 9.34 -3.99 31.05
C ARG A 371 9.18 -2.52 31.41
N ASP A 372 9.97 -1.64 30.80
CA ASP A 372 9.89 -0.19 31.09
C ASP A 372 9.99 0.62 29.81
N ILE A 373 9.43 0.06 28.73
CA ILE A 373 9.32 0.73 27.43
C ILE A 373 10.64 1.25 26.92
N GLY A 374 11.62 0.44 27.06
CA GLY A 374 12.96 0.50 26.50
C GLY A 374 14.00 1.19 27.34
N GLN A 375 13.74 1.46 28.61
CA GLN A 375 14.78 2.03 29.50
C GLN A 375 15.81 1.01 29.89
N THR A 376 15.40 -0.23 30.12
CA THR A 376 16.28 -1.36 30.39
C THR A 376 15.83 -2.54 29.56
N TRP A 377 16.77 -3.44 29.33
CA TRP A 377 16.56 -4.56 28.42
C TRP A 377 17.18 -5.84 28.97
N GLU A 378 16.64 -6.96 28.50
CA GLU A 378 17.31 -8.27 28.46
CA GLU A 378 17.27 -8.29 28.46
C GLU A 378 17.43 -8.64 27.00
N SER A 379 18.53 -9.30 26.63
CA SER A 379 18.89 -9.44 25.23
C SER A 379 19.45 -10.81 24.89
N LEU A 380 19.30 -11.21 23.65
CA LEU A 380 19.69 -12.46 23.05
CA LEU A 380 19.99 -12.39 23.15
C LEU A 380 20.29 -12.18 21.66
N ARG A 381 21.32 -12.91 21.24
CA ARG A 381 21.79 -12.89 19.86
C ARG A 381 21.31 -14.17 19.16
N PHE A 382 20.70 -14.05 17.96
CA PHE A 382 20.43 -15.27 17.22
C PHE A 382 21.73 -15.86 16.71
N PRO A 383 21.85 -17.16 16.71
CA PRO A 383 23.10 -17.78 16.15
C PRO A 383 23.23 -17.50 14.70
N HIS A 384 24.50 -17.52 14.22
CA HIS A 384 24.80 -17.59 12.81
C HIS A 384 24.46 -16.33 12.02
N ASN A 385 24.59 -15.16 12.61
CA ASN A 385 24.68 -13.92 11.85
C ASN A 385 23.47 -13.78 10.89
N VAL A 386 22.26 -13.83 11.44
CA VAL A 386 21.05 -13.60 10.63
C VAL A 386 21.14 -12.19 10.08
N HIS A 387 20.96 -12.01 8.75
CA HIS A 387 21.26 -10.75 8.13
C HIS A 387 20.41 -10.54 6.86
N HIS A 388 20.34 -9.26 6.48
CA HIS A 388 19.64 -8.74 5.29
C HIS A 388 18.12 -8.78 5.39
N THR A 389 17.56 -9.30 6.47
CA THR A 389 16.12 -9.45 6.63
C THR A 389 15.69 -8.75 7.91
N THR A 390 14.54 -8.08 7.87
CA THR A 390 13.84 -7.81 9.11
C THR A 390 13.17 -9.10 9.57
N LEU A 391 12.82 -9.14 10.86
CA LEU A 391 12.18 -10.30 11.51
C LEU A 391 10.90 -9.86 12.18
N PRO A 392 9.90 -9.47 11.39
CA PRO A 392 8.60 -9.15 11.98
C PRO A 392 8.02 -10.39 12.66
N PHE A 393 7.20 -10.12 13.67
CA PHE A 393 6.79 -11.19 14.57
C PHE A 393 5.51 -10.80 15.31
N ALA A 394 4.90 -11.82 15.89
CA ALA A 394 3.80 -11.66 16.85
C ALA A 394 4.05 -12.60 18.00
N LYS A 395 3.40 -12.35 19.14
CA LYS A 395 3.41 -13.28 20.27
C LYS A 395 2.10 -14.03 20.34
N VAL A 396 2.18 -15.35 20.34
CA VAL A 396 1.04 -16.26 20.42
C VAL A 396 1.35 -17.24 21.55
N GLY A 397 0.57 -17.13 22.63
CA GLY A 397 0.91 -17.91 23.82
C GLY A 397 2.29 -17.58 24.31
N ASP A 398 3.09 -18.57 24.63
CA ASP A 398 4.42 -18.31 25.13
C ASP A 398 5.48 -18.11 24.06
N ASP A 399 5.10 -18.16 22.78
CA ASP A 399 6.05 -18.04 21.72
C ASP A 399 5.99 -16.72 20.97
N LEU A 400 7.15 -16.18 20.66
CA LEU A 400 7.28 -15.26 19.54
C LEU A 400 7.31 -16.09 18.25
N ILE A 401 6.55 -15.71 17.26
CA ILE A 401 6.53 -16.36 15.95
CA ILE A 401 6.49 -16.33 15.95
C ILE A 401 7.03 -15.29 14.97
N MET A 402 8.21 -15.55 14.40
CA MET A 402 9.02 -14.63 13.63
CA MET A 402 8.89 -14.55 13.57
C MET A 402 9.14 -15.13 12.20
N PHE A 403 9.14 -14.21 11.22
CA PHE A 403 9.32 -14.55 9.81
C PHE A 403 10.47 -13.77 9.21
N GLY A 404 11.22 -14.39 8.32
CA GLY A 404 12.25 -13.70 7.58
C GLY A 404 12.43 -14.31 6.22
N SER A 405 13.06 -13.58 5.29
CA SER A 405 13.32 -14.04 3.97
C SER A 405 14.73 -13.64 3.54
N GLU A 406 15.52 -14.58 3.03
CA GLU A 406 16.72 -14.16 2.33
C GLU A 406 16.29 -13.39 1.06
N ARG A 407 17.17 -12.50 0.63
CA ARG A 407 16.83 -11.61 -0.48
C ARG A 407 17.11 -12.22 -1.84
N ALA A 408 18.03 -13.18 -1.87
CA ALA A 408 18.38 -13.97 -3.03
C ALA A 408 18.80 -15.33 -2.48
N GLU A 409 18.79 -16.37 -3.28
CA GLU A 409 19.02 -17.73 -2.82
C GLU A 409 20.42 -17.85 -2.21
N ASN A 410 20.48 -18.61 -1.13
CA ASN A 410 21.73 -19.02 -0.52
C ASN A 410 22.50 -17.89 0.19
N GLU A 411 21.78 -16.88 0.65
CA GLU A 411 22.34 -15.78 1.42
C GLU A 411 22.12 -15.90 2.92
N TRP A 412 21.20 -16.77 3.36
CA TRP A 412 20.76 -16.76 4.76
C TRP A 412 21.92 -17.03 5.73
N GLU A 413 22.75 -18.00 5.44
CA GLU A 413 23.73 -18.53 6.38
C GLU A 413 24.83 -17.52 6.68
N ALA A 414 25.38 -17.67 7.90
CA ALA A 414 26.61 -16.94 8.24
C ALA A 414 27.71 -17.27 7.23
N GLY A 415 28.44 -16.24 6.79
CA GLY A 415 29.51 -16.40 5.87
C GLY A 415 29.12 -16.54 4.44
N ALA A 416 27.81 -16.63 4.14
CA ALA A 416 27.40 -16.81 2.75
C ALA A 416 27.57 -15.51 1.97
N PRO A 417 28.21 -15.52 0.81
CA PRO A 417 28.32 -14.28 0.04
C PRO A 417 26.98 -13.86 -0.54
N ASP A 418 26.81 -12.58 -0.76
CA ASP A 418 25.66 -12.13 -1.57
C ASP A 418 25.74 -12.80 -2.95
N ASP A 419 24.56 -13.08 -3.49
CA ASP A 419 24.55 -13.74 -4.80
CA ASP A 419 24.26 -13.92 -4.64
C ASP A 419 23.40 -13.12 -5.61
N ARG A 420 23.85 -12.03 -6.26
CA ARG A 420 23.03 -11.16 -7.03
C ARG A 420 23.34 -11.31 -8.53
N TYR A 421 22.58 -10.70 -9.37
CA TYR A 421 22.75 -10.55 -10.80
C TYR A 421 22.51 -11.88 -11.53
N LYS A 422 21.76 -12.77 -10.93
CA LYS A 422 21.27 -13.95 -11.63
C LYS A 422 20.00 -14.38 -10.89
N ALA A 423 19.13 -14.96 -11.66
CA ALA A 423 17.84 -15.43 -11.13
C ALA A 423 18.05 -16.50 -10.08
N SER A 424 17.25 -16.53 -9.05
CA SER A 424 17.31 -17.61 -8.07
C SER A 424 16.01 -17.70 -7.29
N TYR A 425 15.96 -18.65 -6.35
CA TYR A 425 14.76 -18.99 -5.59
C TYR A 425 15.03 -18.81 -4.09
N PRO A 426 15.02 -17.60 -3.59
CA PRO A 426 15.26 -17.34 -2.14
C PRO A 426 14.25 -18.05 -1.25
N ARG A 427 14.78 -18.53 -0.14
CA ARG A 427 14.04 -19.17 0.95
C ARG A 427 13.45 -18.19 1.93
N THR A 428 12.18 -18.44 2.30
CA THR A 428 11.50 -17.77 3.37
C THR A 428 11.32 -18.76 4.54
N PHE A 429 11.59 -18.27 5.75
CA PHE A 429 11.60 -19.05 6.97
C PHE A 429 10.67 -18.44 8.00
N TYR A 430 10.26 -19.31 8.94
CA TYR A 430 9.72 -18.81 10.20
C TYR A 430 10.41 -19.58 11.33
N ALA A 431 10.26 -19.00 12.55
CA ALA A 431 10.75 -19.72 13.75
C ALA A 431 9.89 -19.30 14.93
N ARG A 432 9.89 -20.17 15.94
CA ARG A 432 9.28 -19.93 17.23
C ARG A 432 10.38 -19.80 18.30
N LEU A 433 10.19 -18.86 19.21
N LEU A 433 10.18 -18.86 19.21
CA LEU A 433 11.08 -18.70 20.36
CA LEU A 433 11.05 -18.75 20.39
C LEU A 433 10.22 -18.58 21.62
C LEU A 433 10.14 -18.61 21.61
N ASN A 434 10.38 -19.49 22.58
CA ASN A 434 9.65 -19.49 23.82
C ASN A 434 10.18 -18.41 24.75
N VAL A 435 9.36 -17.44 25.13
CA VAL A 435 9.88 -16.31 25.91
C VAL A 435 10.30 -16.72 27.35
N ASN A 436 9.75 -17.82 27.84
CA ASN A 436 10.18 -18.25 29.20
C ASN A 436 11.58 -18.82 29.18
N ASN A 437 11.89 -19.54 28.11
CA ASN A 437 13.19 -20.17 28.02
C ASN A 437 14.25 -19.15 27.67
N TRP A 438 13.92 -18.16 26.88
CA TRP A 438 14.76 -17.00 26.54
C TRP A 438 16.13 -17.46 26.14
N ASN A 439 16.23 -18.30 25.13
CA ASN A 439 17.52 -18.77 24.65
C ASN A 439 17.39 -19.17 23.19
N ALA A 440 18.16 -18.53 22.28
CA ALA A 440 17.99 -18.81 20.85
C ALA A 440 19.01 -19.77 20.31
N ASP A 441 19.79 -20.43 21.18
CA ASP A 441 20.91 -21.18 20.67
C ASP A 441 20.42 -22.29 19.78
N ASP A 442 19.26 -22.89 20.12
CA ASP A 442 18.82 -24.03 19.32
CA ASP A 442 18.63 -24.03 19.56
C ASP A 442 17.57 -23.67 18.50
N ILE A 443 17.47 -22.41 18.08
CA ILE A 443 16.35 -21.94 17.24
CA ILE A 443 16.31 -22.04 17.27
C ILE A 443 16.29 -22.76 15.94
N GLU A 444 15.07 -23.05 15.48
CA GLU A 444 14.86 -23.81 14.28
C GLU A 444 14.16 -22.96 13.25
N TRP A 445 14.92 -22.51 12.23
CA TRP A 445 14.38 -21.77 11.11
C TRP A 445 13.81 -22.78 10.10
N VAL A 446 12.51 -22.63 9.80
CA VAL A 446 11.80 -23.60 8.95
C VAL A 446 11.42 -22.91 7.65
N ASN A 447 11.98 -23.44 6.55
CA ASN A 447 11.71 -22.93 5.21
C ASN A 447 10.34 -23.46 4.78
N ILE A 448 9.38 -22.51 4.64
CA ILE A 448 8.00 -22.80 4.40
C ILE A 448 7.50 -22.42 2.99
N THR A 449 8.24 -21.56 2.29
CA THR A 449 7.93 -21.13 0.92
CA THR A 449 7.93 -21.16 0.93
C THR A 449 9.21 -20.59 0.32
N ASP A 450 9.33 -20.69 -1.00
CA ASP A 450 10.39 -20.05 -1.75
C ASP A 450 9.79 -19.04 -2.74
N GLN A 451 10.50 -17.93 -2.86
CA GLN A 451 10.21 -16.81 -3.73
C GLN A 451 11.17 -16.88 -4.94
N ILE A 452 10.99 -15.88 -5.85
CA ILE A 452 11.91 -15.64 -6.94
C ILE A 452 12.59 -14.28 -6.71
N TYR A 453 13.90 -14.26 -6.96
CA TYR A 453 14.71 -13.07 -7.12
C TYR A 453 15.06 -12.99 -8.62
N GLN A 454 14.69 -11.90 -9.28
CA GLN A 454 14.76 -11.83 -10.74
C GLN A 454 16.20 -11.76 -11.27
N GLY A 455 17.02 -10.91 -10.69
CA GLY A 455 18.47 -10.85 -11.02
C GLY A 455 18.90 -9.80 -12.01
N GLY A 456 17.93 -9.01 -12.56
CA GLY A 456 18.28 -8.00 -13.54
C GLY A 456 18.92 -6.76 -12.97
N ILE A 457 18.78 -6.55 -11.69
CA ILE A 457 19.42 -5.50 -10.92
C ILE A 457 19.89 -6.11 -9.61
N VAL A 458 20.82 -5.41 -8.91
CA VAL A 458 21.41 -5.93 -7.71
C VAL A 458 20.42 -6.00 -6.56
N ASN A 459 19.50 -5.02 -6.48
CA ASN A 459 18.56 -4.93 -5.40
C ASN A 459 17.49 -6.00 -5.52
N SER A 460 16.85 -6.31 -4.39
CA SER A 460 15.79 -7.29 -4.30
C SER A 460 14.60 -6.74 -3.57
N GLY A 461 13.40 -7.02 -4.07
CA GLY A 461 12.17 -6.70 -3.35
C GLY A 461 11.69 -7.84 -2.48
N VAL A 462 12.42 -8.99 -2.48
CA VAL A 462 11.99 -10.13 -1.69
C VAL A 462 12.00 -9.83 -0.21
N GLY A 463 10.96 -10.20 0.51
CA GLY A 463 11.01 -10.12 1.96
C GLY A 463 10.62 -8.76 2.52
N VAL A 464 11.41 -8.33 3.49
CA VAL A 464 11.25 -7.11 4.27
C VAL A 464 9.78 -6.76 4.50
N GLY A 465 9.17 -7.67 5.28
CA GLY A 465 7.72 -7.76 5.39
C GLY A 465 7.19 -7.28 6.74
N SER A 466 5.98 -7.77 7.07
CA SER A 466 5.24 -7.35 8.24
C SER A 466 4.30 -8.47 8.64
N VAL A 467 3.98 -8.56 9.93
CA VAL A 467 3.21 -9.69 10.47
C VAL A 467 2.03 -9.21 11.30
N VAL A 468 0.88 -9.85 11.16
CA VAL A 468 -0.24 -9.64 12.04
C VAL A 468 -0.89 -10.99 12.39
N VAL A 469 -1.63 -11.01 13.48
CA VAL A 469 -2.51 -12.13 13.84
C VAL A 469 -3.96 -11.62 13.74
N LYS A 470 -4.81 -12.49 13.17
CA LYS A 470 -6.26 -12.30 13.22
C LYS A 470 -6.88 -13.62 13.60
N ASP A 471 -7.62 -13.67 14.69
CA ASP A 471 -8.20 -14.94 15.15
C ASP A 471 -7.05 -15.92 15.36
N ASN A 472 -7.27 -17.09 14.80
N ASN A 472 -7.14 -17.17 14.89
CA ASN A 472 -6.40 -18.24 14.84
CA ASN A 472 -6.02 -18.11 15.15
C ASN A 472 -5.39 -18.36 13.73
C ASN A 472 -5.24 -18.32 13.85
N TYR A 473 -5.07 -17.27 13.05
CA TYR A 473 -4.14 -17.25 11.93
C TYR A 473 -3.16 -16.09 12.09
N ILE A 474 -1.92 -16.38 11.65
CA ILE A 474 -0.87 -15.40 11.53
C ILE A 474 -0.58 -15.19 10.04
N TYR A 475 -0.26 -13.95 9.70
CA TYR A 475 -0.11 -13.49 8.33
C TYR A 475 1.23 -12.77 8.20
N TYR A 476 2.06 -13.22 7.27
CA TYR A 476 3.32 -12.57 6.92
C TYR A 476 3.18 -12.00 5.51
N MET A 477 3.15 -10.66 5.43
CA MET A 477 2.99 -9.94 4.17
C MET A 477 4.38 -9.43 3.76
N PHE A 478 4.81 -9.75 2.54
CA PHE A 478 6.21 -9.58 2.19
C PHE A 478 6.35 -9.56 0.68
N GLY A 479 7.51 -9.13 0.19
CA GLY A 479 7.72 -9.06 -1.25
C GLY A 479 8.23 -10.31 -1.85
N GLY A 480 8.04 -10.44 -3.16
CA GLY A 480 8.64 -11.48 -3.99
C GLY A 480 8.70 -11.00 -5.40
N GLU A 481 9.65 -11.51 -6.20
CA GLU A 481 9.76 -11.12 -7.60
C GLU A 481 9.26 -12.27 -8.51
N ASP A 482 9.43 -12.06 -9.80
CA ASP A 482 9.14 -13.01 -10.85
C ASP A 482 10.30 -12.93 -11.82
N HIS A 483 10.28 -13.71 -12.90
CA HIS A 483 11.36 -13.76 -13.85
C HIS A 483 11.35 -12.68 -14.90
N PHE A 484 10.42 -11.73 -14.85
CA PHE A 484 10.32 -10.68 -15.85
C PHE A 484 11.27 -9.51 -15.53
N ASN A 485 12.29 -9.32 -16.33
CA ASN A 485 13.28 -8.29 -16.12
C ASN A 485 12.65 -6.91 -16.25
N PRO A 486 13.01 -5.94 -15.41
CA PRO A 486 12.55 -4.54 -15.56
C PRO A 486 13.23 -3.80 -16.68
N TRP A 487 14.29 -4.37 -17.26
CA TRP A 487 15.02 -3.73 -18.35
C TRP A 487 15.63 -2.41 -17.97
N THR A 488 16.09 -2.32 -16.69
CA THR A 488 16.94 -1.19 -16.30
C THR A 488 18.24 -1.19 -17.14
N TYR A 489 18.83 -2.37 -17.27
CA TYR A 489 19.96 -2.61 -18.19
C TYR A 489 19.28 -3.14 -19.45
N GLY A 490 18.99 -2.26 -20.40
CA GLY A 490 18.01 -2.54 -21.44
C GLY A 490 17.33 -1.29 -21.85
N ASP A 491 16.13 -1.43 -22.40
CA ASP A 491 15.39 -0.31 -22.98
C ASP A 491 14.59 0.53 -21.99
N ASN A 492 14.72 0.26 -20.69
CA ASN A 492 13.95 0.98 -19.69
C ASN A 492 14.82 1.44 -18.53
N SER A 493 15.96 2.07 -18.88
CA SER A 493 16.78 2.69 -17.81
C SER A 493 16.03 3.76 -17.05
N ALA A 494 15.00 4.37 -17.65
CA ALA A 494 14.18 5.35 -16.97
C ALA A 494 13.24 4.72 -15.92
N LYS A 495 13.09 3.40 -15.95
CA LYS A 495 12.34 2.64 -14.94
C LYS A 495 10.86 2.95 -14.99
N ASP A 496 10.33 3.31 -16.16
CA ASP A 496 8.90 3.54 -16.36
C ASP A 496 8.12 2.28 -16.04
N PRO A 497 7.25 2.25 -15.04
CA PRO A 497 6.50 0.99 -14.74
C PRO A 497 5.64 0.53 -15.90
N PHE A 498 5.22 1.44 -16.78
CA PHE A 498 4.16 1.14 -17.74
C PHE A 498 4.70 0.63 -19.07
N LYS A 499 6.00 0.42 -19.17
CA LYS A 499 6.62 -0.23 -20.29
CA LYS A 499 6.65 -0.22 -20.28
CA LYS A 499 6.57 -0.24 -20.32
C LYS A 499 6.76 -1.72 -20.02
N SER A 500 6.47 -2.56 -20.99
CA SER A 500 6.73 -4.00 -20.89
CA SER A 500 6.62 -4.00 -20.96
C SER A 500 6.00 -4.53 -19.63
N ASP A 501 6.74 -5.33 -18.87
CA ASP A 501 6.21 -5.96 -17.66
C ASP A 501 6.46 -5.10 -16.41
N GLY A 502 6.88 -3.87 -16.57
CA GLY A 502 7.17 -3.07 -15.40
C GLY A 502 8.16 -3.76 -14.49
N HIS A 503 7.95 -3.56 -13.18
CA HIS A 503 8.88 -4.04 -12.16
C HIS A 503 8.38 -5.32 -11.54
N PRO A 504 9.26 -6.30 -11.29
CA PRO A 504 8.81 -7.64 -10.92
C PRO A 504 8.38 -7.81 -9.48
N SER A 505 8.74 -6.88 -8.59
CA SER A 505 8.37 -7.06 -7.20
CA SER A 505 8.37 -6.99 -7.19
C SER A 505 6.88 -6.79 -6.98
N ASP A 506 6.26 -7.73 -6.25
CA ASP A 506 4.87 -7.68 -5.84
C ASP A 506 4.78 -8.29 -4.44
N LEU A 507 3.63 -8.10 -3.81
CA LEU A 507 3.44 -8.61 -2.46
C LEU A 507 2.76 -9.98 -2.46
N TYR A 508 3.13 -10.72 -1.42
CA TYR A 508 2.60 -12.02 -1.08
C TYR A 508 2.21 -12.02 0.39
N CYS A 509 1.40 -13.01 0.79
CA CYS A 509 1.02 -13.19 2.17
C CYS A 509 1.03 -14.67 2.47
N TYR A 510 1.83 -15.09 3.46
CA TYR A 510 1.79 -16.46 3.97
C TYR A 510 0.83 -16.47 5.16
N LYS A 511 -0.25 -17.24 5.02
CA LYS A 511 -1.30 -17.38 6.04
C LYS A 511 -1.06 -18.72 6.73
N MET A 512 -0.75 -18.69 8.02
CA MET A 512 -0.39 -19.87 8.80
CA MET A 512 -0.41 -19.86 8.79
C MET A 512 -1.36 -20.03 9.97
N LYS A 513 -1.91 -21.22 10.15
CA LYS A 513 -2.78 -21.48 11.29
C LYS A 513 -1.92 -21.62 12.54
N ILE A 514 -2.38 -20.96 13.62
CA ILE A 514 -1.65 -21.00 14.90
C ILE A 514 -2.56 -21.35 16.06
N GLY A 515 -3.81 -21.76 15.81
CA GLY A 515 -4.65 -22.31 16.86
C GLY A 515 -5.86 -22.93 16.19
N PRO A 516 -6.75 -23.56 16.96
CA PRO A 516 -7.86 -24.31 16.37
C PRO A 516 -8.79 -23.42 15.59
N ASP A 517 -9.35 -24.02 14.51
CA ASP A 517 -10.43 -23.37 13.70
C ASP A 517 -11.67 -24.22 13.92
N ASN A 518 -12.59 -23.69 14.72
CA ASN A 518 -13.74 -24.42 15.19
C ASN A 518 -14.98 -24.19 14.29
N ARG A 519 -14.79 -23.79 13.05
CA ARG A 519 -15.88 -23.59 12.09
C ARG A 519 -15.56 -24.39 10.85
N VAL A 520 -16.63 -24.73 10.10
CA VAL A 520 -16.50 -25.26 8.77
C VAL A 520 -15.77 -24.22 7.90
N SER A 521 -15.08 -24.70 6.89
CA SER A 521 -14.25 -23.84 6.04
C SER A 521 -15.03 -22.75 5.37
N ARG A 522 -14.37 -21.59 5.29
CA ARG A 522 -14.84 -20.46 4.50
C ARG A 522 -14.16 -20.42 3.11
N ASP A 523 -13.25 -21.29 2.82
CA ASP A 523 -12.45 -21.21 1.61
C ASP A 523 -13.31 -21.36 0.37
N PHE A 524 -12.92 -20.63 -0.66
CA PHE A 524 -13.52 -20.71 -1.99
C PHE A 524 -12.42 -20.67 -3.05
N ARG A 525 -12.78 -21.18 -4.23
CA ARG A 525 -12.04 -20.93 -5.45
CA ARG A 525 -12.02 -20.91 -5.44
C ARG A 525 -12.60 -19.66 -6.07
N TYR A 526 -11.75 -18.72 -6.45
CA TYR A 526 -12.18 -17.47 -7.07
C TYR A 526 -12.42 -17.73 -8.54
N GLY A 527 -13.67 -17.60 -8.99
CA GLY A 527 -14.04 -17.81 -10.37
C GLY A 527 -14.75 -16.64 -11.00
N ALA A 528 -14.74 -15.48 -10.36
CA ALA A 528 -15.44 -14.30 -10.81
C ALA A 528 -14.58 -13.49 -11.77
N VAL A 529 -15.22 -12.67 -12.59
CA VAL A 529 -14.49 -11.59 -13.27
C VAL A 529 -14.14 -10.57 -12.23
N PRO A 530 -12.88 -10.21 -12.04
CA PRO A 530 -12.54 -9.11 -11.10
C PRO A 530 -13.14 -7.85 -11.65
N ASN A 531 -14.04 -7.24 -10.87
CA ASN A 531 -14.88 -6.16 -11.39
C ASN A 531 -14.99 -5.00 -10.45
N ARG A 532 -13.92 -4.80 -9.65
CA ARG A 532 -13.79 -3.65 -8.76
C ARG A 532 -12.94 -2.52 -9.35
N ALA A 533 -11.81 -2.89 -9.93
CA ALA A 533 -10.86 -1.83 -10.41
C ALA A 533 -11.46 -1.04 -11.58
N VAL A 534 -12.00 -1.74 -12.57
CA VAL A 534 -12.66 -1.14 -13.74
C VAL A 534 -14.02 -1.82 -13.87
N PRO A 535 -15.03 -1.40 -13.13
CA PRO A 535 -16.31 -2.16 -13.11
C PRO A 535 -17.03 -2.10 -14.46
N VAL A 536 -17.18 -3.26 -15.10
CA VAL A 536 -17.81 -3.38 -16.42
C VAL A 536 -19.07 -4.20 -16.34
N PHE A 537 -20.12 -3.72 -17.02
CA PHE A 537 -21.37 -4.43 -17.15
C PHE A 537 -21.76 -4.41 -18.60
N PHE A 538 -22.14 -5.56 -19.17
CA PHE A 538 -22.72 -5.52 -20.52
C PHE A 538 -24.10 -4.92 -20.42
N ASP A 539 -24.31 -3.77 -21.07
CA ASP A 539 -25.58 -3.06 -21.03
CA ASP A 539 -25.62 -3.15 -20.91
C ASP A 539 -26.62 -3.85 -21.84
N THR A 540 -27.85 -3.37 -21.85
CA THR A 540 -28.94 -4.08 -22.53
C THR A 540 -28.77 -4.06 -24.03
N ASN A 541 -27.90 -3.24 -24.56
CA ASN A 541 -27.56 -3.25 -25.97
CA ASN A 541 -27.55 -3.24 -25.96
C ASN A 541 -26.25 -3.99 -26.28
N GLY A 542 -25.72 -4.67 -25.33
CA GLY A 542 -24.57 -5.54 -25.57
C GLY A 542 -23.21 -4.85 -25.52
N VAL A 543 -23.13 -3.64 -24.97
CA VAL A 543 -21.88 -2.89 -24.95
C VAL A 543 -21.35 -2.80 -23.51
N ARG A 544 -20.07 -3.09 -23.35
CA ARG A 544 -19.37 -2.94 -22.08
C ARG A 544 -19.51 -1.52 -21.56
N THR A 545 -20.00 -1.40 -20.31
CA THR A 545 -20.30 -0.13 -19.70
C THR A 545 -19.63 -0.01 -18.33
N VAL A 546 -18.89 1.08 -18.14
CA VAL A 546 -18.20 1.37 -16.88
C VAL A 546 -18.90 2.54 -16.22
N PRO A 547 -19.57 2.33 -15.07
CA PRO A 547 -20.32 3.44 -14.47
C PRO A 547 -19.50 4.24 -13.46
N ALA A 548 -18.33 3.78 -13.07
CA ALA A 548 -17.51 4.44 -12.07
C ALA A 548 -16.83 5.68 -12.65
N PRO A 549 -16.65 6.72 -11.83
CA PRO A 549 -15.78 7.82 -12.27
C PRO A 549 -14.34 7.29 -12.36
N MET A 550 -13.58 7.81 -13.35
CA MET A 550 -12.24 7.34 -13.66
CA MET A 550 -12.18 7.39 -13.49
C MET A 550 -11.35 8.54 -13.99
N GLU A 551 -10.07 8.43 -13.67
CA GLU A 551 -9.03 9.33 -14.13
C GLU A 551 -8.03 8.54 -14.96
N PHE A 552 -7.80 8.95 -16.20
CA PHE A 552 -6.74 8.44 -17.03
C PHE A 552 -5.69 9.49 -17.15
N THR A 553 -4.54 9.28 -16.57
CA THR A 553 -3.48 10.28 -16.56
C THR A 553 -2.39 10.07 -17.58
N GLY A 554 -2.29 8.86 -18.11
CA GLY A 554 -1.36 8.53 -19.15
C GLY A 554 -1.87 9.03 -20.50
N ASP A 555 -1.00 9.14 -21.49
CA ASP A 555 -1.41 9.58 -22.81
C ASP A 555 -2.44 8.61 -23.40
N LEU A 556 -3.54 9.17 -23.93
CA LEU A 556 -4.60 8.37 -24.50
C LEU A 556 -4.74 8.65 -25.99
N GLY A 557 -4.91 7.57 -26.73
CA GLY A 557 -5.37 7.61 -28.11
C GLY A 557 -6.75 7.01 -28.19
N LEU A 558 -7.70 7.75 -28.78
CA LEU A 558 -9.10 7.33 -28.89
C LEU A 558 -9.46 7.20 -30.36
N GLY A 559 -10.42 6.36 -30.65
CA GLY A 559 -11.00 6.22 -31.97
C GLY A 559 -12.20 7.11 -32.14
N HIS A 560 -13.31 6.59 -32.69
CA HIS A 560 -14.51 7.37 -32.79
C HIS A 560 -15.05 7.69 -31.38
N VAL A 561 -15.37 8.94 -31.11
CA VAL A 561 -15.83 9.35 -29.78
C VAL A 561 -17.20 10.02 -29.91
N THR A 562 -18.09 9.58 -29.00
CA THR A 562 -19.37 10.27 -28.81
C THR A 562 -19.43 10.73 -27.37
N ILE A 563 -19.71 12.04 -27.16
CA ILE A 563 -19.86 12.64 -25.85
CA ILE A 563 -19.88 12.57 -25.82
C ILE A 563 -21.36 12.65 -25.57
N ARG A 564 -21.82 11.82 -24.62
CA ARG A 564 -23.24 11.64 -24.35
C ARG A 564 -23.80 12.76 -23.50
N ALA A 565 -25.12 12.90 -23.52
CA ALA A 565 -25.75 13.85 -22.62
C ALA A 565 -25.45 13.45 -21.18
N SER A 566 -25.04 14.37 -20.37
CA SER A 566 -24.59 14.06 -19.00
C SER A 566 -24.87 15.12 -17.97
N THR A 567 -25.18 16.37 -18.33
CA THR A 567 -25.04 17.50 -17.45
C THR A 567 -26.30 18.36 -17.50
N SER A 568 -26.66 18.86 -16.31
CA SER A 568 -27.83 19.72 -16.06
C SER A 568 -29.11 19.03 -16.50
N SER A 569 -29.50 18.07 -15.69
CA SER A 569 -30.65 17.21 -16.01
C SER A 569 -30.44 16.59 -17.41
N ASN A 570 -29.22 16.28 -17.75
CA ASN A 570 -28.91 15.62 -19.02
C ASN A 570 -29.33 16.47 -20.24
N ILE A 571 -29.43 17.77 -20.11
CA ILE A 571 -29.76 18.59 -21.27
C ILE A 571 -28.60 18.67 -22.27
N ARG A 572 -27.37 18.54 -21.77
CA ARG A 572 -26.20 18.79 -22.58
C ARG A 572 -25.14 17.72 -22.40
N SER A 573 -24.36 17.55 -23.44
CA SER A 573 -23.04 16.97 -23.36
C SER A 573 -22.02 18.06 -23.03
N GLU A 574 -20.95 17.67 -22.35
CA GLU A 574 -20.00 18.66 -21.84
C GLU A 574 -18.58 18.12 -21.79
N VAL A 575 -17.66 18.97 -22.29
CA VAL A 575 -16.24 18.81 -22.13
C VAL A 575 -15.72 20.09 -21.49
N LEU A 576 -14.98 19.97 -20.38
CA LEU A 576 -14.30 21.09 -19.74
C LEU A 576 -12.79 20.89 -19.86
N MET A 577 -12.07 21.99 -20.16
CA MET A 577 -10.63 21.95 -20.32
C MET A 577 -9.96 22.69 -19.16
N GLU A 578 -8.98 22.05 -18.52
CA GLU A 578 -8.25 22.61 -17.39
C GLU A 578 -6.95 23.24 -17.86
N GLY A 579 -6.09 23.62 -16.89
CA GLY A 579 -4.88 24.34 -17.17
C GLY A 579 -5.09 25.83 -17.26
N GLU A 580 -3.98 26.56 -17.51
CA GLU A 580 -4.11 27.98 -17.87
C GLU A 580 -4.97 28.15 -19.11
N TYR A 581 -4.70 27.29 -20.10
CA TYR A 581 -5.45 27.34 -21.36
C TYR A 581 -5.63 25.90 -21.86
N GLY A 582 -6.64 25.78 -22.74
CA GLY A 582 -6.86 24.58 -23.49
C GLY A 582 -6.41 24.78 -24.95
N PHE A 583 -6.01 23.69 -25.58
CA PHE A 583 -5.64 23.68 -26.99
C PHE A 583 -6.31 22.48 -27.66
N ILE A 584 -7.00 22.76 -28.77
CA ILE A 584 -7.58 21.71 -29.64
C ILE A 584 -6.96 21.97 -31.00
N GLY A 585 -6.15 21.02 -31.48
CA GLY A 585 -5.44 21.17 -32.72
C GLY A 585 -5.46 19.93 -33.59
N LYS A 586 -4.75 20.05 -34.71
CA LYS A 586 -4.82 19.11 -35.82
C LYS A 586 -3.44 18.66 -36.25
N SER A 587 -3.16 17.35 -36.13
CA SER A 587 -1.89 16.82 -36.58
C SER A 587 -1.64 17.07 -38.07
N ILE A 588 -0.38 17.04 -38.48
CA ILE A 588 -0.04 17.04 -39.88
C ILE A 588 -0.43 15.71 -40.48
N PRO A 589 -1.35 15.65 -41.44
CA PRO A 589 -1.75 14.35 -42.03
C PRO A 589 -0.56 13.63 -42.65
N THR A 590 -0.54 12.33 -42.50
CA THR A 590 0.53 11.48 -43.04
C THR A 590 0.40 11.30 -44.54
N ASP A 591 -0.81 11.13 -45.04
CA ASP A 591 -1.05 10.78 -46.47
C ASP A 591 -1.46 11.94 -47.35
N ASN A 592 -2.27 12.85 -46.82
CA ASN A 592 -2.77 14.00 -47.58
C ASN A 592 -2.64 15.26 -46.76
N PRO A 593 -1.40 15.74 -46.55
CA PRO A 593 -1.19 16.97 -45.79
C PRO A 593 -1.96 18.15 -46.37
N ALA A 594 -2.17 18.18 -47.67
CA ALA A 594 -2.89 19.24 -48.32
C ALA A 594 -4.32 19.44 -47.82
N GLY A 595 -4.90 18.45 -47.15
CA GLY A 595 -6.24 18.55 -46.57
C GLY A 595 -6.28 19.00 -45.12
N GLN A 596 -5.14 19.24 -44.48
CA GLN A 596 -5.14 19.48 -43.03
C GLN A 596 -6.14 20.55 -42.60
N ARG A 597 -7.07 20.25 -41.72
CA ARG A 597 -8.08 21.19 -41.25
C ARG A 597 -8.88 20.52 -40.13
N ILE A 598 -9.63 21.32 -39.38
CA ILE A 598 -10.73 20.85 -38.52
C ILE A 598 -12.00 21.56 -38.93
N ILE A 599 -13.06 20.76 -39.12
CA ILE A 599 -14.43 21.23 -39.36
C ILE A 599 -15.17 21.16 -38.00
N PHE A 600 -15.63 22.30 -37.50
CA PHE A 600 -16.49 22.41 -36.34
C PHE A 600 -17.89 22.63 -36.87
N CYS A 601 -18.89 21.86 -36.36
CA CYS A 601 -20.23 21.89 -36.92
C CYS A 601 -21.28 21.84 -35.81
N GLY A 602 -22.34 22.64 -35.98
CA GLY A 602 -23.48 22.62 -35.09
C GLY A 602 -24.51 21.56 -35.37
N GLY A 603 -24.27 20.75 -36.43
CA GLY A 603 -25.07 19.60 -36.77
C GLY A 603 -24.23 18.34 -36.98
N GLU A 604 -24.92 17.31 -37.51
CA GLU A 604 -24.46 15.95 -37.30
C GLU A 604 -23.45 15.46 -38.32
N GLY A 605 -23.26 16.16 -39.42
CA GLY A 605 -22.43 15.67 -40.49
C GLY A 605 -21.47 16.67 -41.05
N THR A 606 -20.55 16.15 -41.88
CA THR A 606 -19.58 17.01 -42.47
C THR A 606 -20.21 17.92 -43.52
N SER A 607 -21.34 17.60 -44.09
CA SER A 607 -21.98 18.55 -45.01
C SER A 607 -22.48 19.74 -44.21
N SER A 608 -22.24 20.95 -44.76
CA SER A 608 -22.77 22.17 -44.16
C SER A 608 -24.29 22.26 -44.19
N THR A 609 -24.99 21.47 -44.96
CA THR A 609 -26.41 21.38 -44.89
C THR A 609 -26.87 20.91 -43.54
N THR A 610 -26.07 20.24 -42.74
CA THR A 610 -26.48 19.74 -41.43
C THR A 610 -26.39 20.77 -40.32
N GLY A 611 -25.63 21.83 -40.49
CA GLY A 611 -25.42 22.80 -39.42
C GLY A 611 -24.42 23.87 -39.82
N ALA A 612 -24.44 24.94 -39.03
CA ALA A 612 -23.41 25.96 -39.21
C ALA A 612 -22.03 25.35 -38.99
N GLN A 613 -21.05 25.85 -39.73
CA GLN A 613 -19.68 25.34 -39.63
C GLN A 613 -18.69 26.51 -39.56
N ILE A 614 -17.58 26.24 -38.86
CA ILE A 614 -16.34 27.00 -39.00
C ILE A 614 -15.27 25.98 -39.29
N THR A 615 -14.47 26.22 -40.32
CA THR A 615 -13.40 25.31 -40.68
C THR A 615 -12.08 26.05 -40.59
N LEU A 616 -11.20 25.56 -39.74
CA LEU A 616 -9.85 26.10 -39.56
C LEU A 616 -8.89 25.28 -40.39
N TYR A 617 -8.23 25.90 -41.37
CA TYR A 617 -7.34 25.20 -42.28
C TYR A 617 -5.92 25.27 -41.70
N GLY A 618 -5.23 24.15 -41.77
CA GLY A 618 -3.83 24.08 -41.29
C GLY A 618 -2.90 24.81 -42.26
N ALA A 619 -1.67 25.05 -41.75
CA ALA A 619 -0.66 25.67 -42.61
C ALA A 619 -0.30 24.76 -43.77
N ASN A 620 -0.40 23.44 -43.61
CA ASN A 620 -0.06 22.50 -44.67
C ASN A 620 -1.15 22.35 -45.72
N ASN A 621 -2.36 22.87 -45.44
CA ASN A 621 -3.43 22.83 -46.43
C ASN A 621 -3.02 23.62 -47.67
N THR A 622 -3.51 23.19 -48.82
CA THR A 622 -3.35 24.02 -50.04
C THR A 622 -3.82 25.42 -49.82
N ASP A 623 -4.93 25.60 -49.09
CA ASP A 623 -5.43 26.92 -48.71
C ASP A 623 -4.92 27.21 -47.30
N SER A 624 -3.65 27.61 -47.23
CA SER A 624 -2.91 27.64 -45.98
CA SER A 624 -2.94 27.58 -45.95
C SER A 624 -3.49 28.63 -45.02
N ARG A 625 -3.85 28.19 -43.82
CA ARG A 625 -4.37 29.07 -42.78
C ARG A 625 -5.65 29.80 -43.17
N ARG A 626 -6.41 29.30 -44.13
CA ARG A 626 -7.75 29.82 -44.41
C ARG A 626 -8.66 29.58 -43.21
N ILE A 627 -9.64 30.47 -43.03
CA ILE A 627 -10.83 30.17 -42.22
C ILE A 627 -12.05 30.43 -43.08
N VAL A 628 -12.97 29.45 -43.10
CA VAL A 628 -14.29 29.58 -43.72
C VAL A 628 -15.33 29.53 -42.62
N TYR A 629 -16.16 30.56 -42.54
CA TYR A 629 -17.28 30.68 -41.61
C TYR A 629 -18.54 30.49 -42.44
N ASN A 630 -19.32 29.43 -42.19
CA ASN A 630 -20.43 29.08 -43.05
C ASN A 630 -21.70 28.88 -42.26
N GLY A 631 -22.55 29.90 -42.23
CA GLY A 631 -23.84 29.83 -41.56
C GLY A 631 -24.85 30.57 -42.40
N ASP A 632 -26.12 30.39 -42.06
CA ASP A 632 -27.19 31.14 -42.71
C ASP A 632 -27.43 32.51 -42.04
N GLU A 633 -26.76 32.77 -40.91
CA GLU A 633 -26.64 34.07 -40.29
C GLU A 633 -25.25 34.10 -39.65
N HIS A 634 -24.60 35.27 -39.71
CA HIS A 634 -23.35 35.55 -38.99
C HIS A 634 -23.63 36.78 -38.14
N LEU A 635 -23.82 36.58 -36.81
CA LEU A 635 -24.29 37.63 -35.92
C LEU A 635 -23.19 37.91 -34.88
N PHE A 636 -22.62 39.12 -34.94
CA PHE A 636 -21.55 39.52 -34.01
C PHE A 636 -22.15 40.32 -32.88
N GLN A 637 -22.20 39.70 -31.72
CA GLN A 637 -22.82 40.22 -30.51
C GLN A 637 -21.77 40.82 -29.57
N SER A 638 -22.18 41.86 -28.85
CA SER A 638 -21.49 42.42 -27.68
C SER A 638 -20.30 43.29 -28.00
N ALA A 639 -19.84 43.37 -29.23
CA ALA A 639 -18.64 44.16 -29.55
C ALA A 639 -18.61 44.49 -31.03
N ASP A 640 -17.90 45.58 -31.33
CA ASP A 640 -17.54 45.96 -32.68
C ASP A 640 -16.84 44.82 -33.40
N VAL A 641 -16.98 44.77 -34.71
CA VAL A 641 -16.21 43.90 -35.60
C VAL A 641 -14.99 44.68 -36.03
N LYS A 642 -13.79 44.32 -35.56
CA LYS A 642 -12.58 45.14 -35.75
C LYS A 642 -11.47 44.32 -36.38
N PRO A 643 -10.58 44.98 -37.13
CA PRO A 643 -9.29 44.37 -37.46
C PRO A 643 -8.43 44.39 -36.22
N TYR A 644 -7.49 43.45 -36.13
CA TYR A 644 -6.57 43.40 -35.00
C TYR A 644 -5.62 44.59 -35.00
N ASN A 645 -5.12 44.92 -36.18
CA ASN A 645 -4.18 46.03 -36.37
C ASN A 645 -4.87 47.22 -36.98
N ASP A 646 -4.23 48.40 -36.93
CA ASP A 646 -4.80 49.62 -37.45
C ASP A 646 -4.34 49.94 -38.89
N ASN A 647 -5.36 50.05 -39.77
CA ASN A 647 -5.11 50.51 -41.15
C ASN A 647 -4.13 49.57 -41.89
N VAL A 648 -4.35 48.26 -41.70
CA VAL A 648 -3.59 47.23 -42.34
C VAL A 648 -4.43 46.24 -43.16
N THR A 649 -5.61 45.85 -42.69
CA THR A 649 -6.48 44.91 -43.40
C THR A 649 -7.80 45.61 -43.78
N ALA A 650 -8.45 45.02 -44.76
CA ALA A 650 -9.62 45.59 -45.42
C ALA A 650 -10.90 44.82 -45.08
N LEU A 651 -12.03 45.45 -45.35
CA LEU A 651 -13.32 44.78 -45.55
C LEU A 651 -13.48 44.46 -47.03
N GLY A 652 -13.56 43.18 -47.41
CA GLY A 652 -13.71 42.79 -48.80
C GLY A 652 -12.36 42.84 -49.56
N GLY A 653 -12.48 42.58 -50.84
CA GLY A 653 -11.43 42.80 -51.81
C GLY A 653 -12.02 42.83 -53.20
N PRO A 654 -11.19 43.08 -54.21
CA PRO A 654 -11.74 43.33 -55.54
C PRO A 654 -12.49 42.18 -56.16
N SER A 655 -12.19 40.95 -55.70
CA SER A 655 -12.87 39.74 -56.18
C SER A 655 -13.78 39.18 -55.07
N ASN A 656 -13.97 39.92 -53.98
CA ASN A 656 -14.79 39.52 -52.82
C ASN A 656 -15.43 40.76 -52.24
N ARG A 657 -16.30 41.39 -53.06
CA ARG A 657 -16.97 42.60 -52.64
C ARG A 657 -18.21 42.30 -51.80
N PHE A 658 -18.45 43.04 -50.75
CA PHE A 658 -19.73 43.03 -50.09
C PHE A 658 -20.69 43.81 -50.99
N THR A 659 -21.96 43.43 -51.03
CA THR A 659 -22.92 44.16 -51.88
C THR A 659 -23.06 45.61 -51.49
N THR A 660 -23.04 45.89 -50.18
CA THR A 660 -23.22 47.19 -49.58
C THR A 660 -22.84 47.06 -48.10
N ALA A 661 -22.90 48.18 -47.38
CA ALA A 661 -22.85 48.18 -45.92
C ALA A 661 -24.03 48.99 -45.38
N TYR A 662 -24.81 48.40 -44.48
CA TYR A 662 -25.92 49.05 -43.82
C TYR A 662 -25.42 49.75 -42.54
N LEU A 663 -25.46 51.08 -42.54
CA LEU A 663 -24.85 51.86 -41.50
C LEU A 663 -25.86 52.88 -40.92
N GLY A 664 -25.67 53.23 -39.68
CA GLY A 664 -26.53 54.27 -39.11
C GLY A 664 -25.88 55.67 -39.30
N SER A 665 -24.71 55.78 -39.91
CA SER A 665 -24.02 57.02 -40.15
CA SER A 665 -24.04 57.04 -40.16
C SER A 665 -22.98 56.80 -41.23
N ASN A 666 -22.54 57.88 -41.86
CA ASN A 666 -21.51 57.68 -42.89
C ASN A 666 -20.23 57.13 -42.25
N PRO A 667 -19.41 56.44 -43.03
CA PRO A 667 -18.10 56.02 -42.53
C PRO A 667 -17.27 57.19 -41.99
N ILE A 668 -16.48 56.90 -40.95
CA ILE A 668 -15.50 57.81 -40.37
C ILE A 668 -14.15 57.52 -41.01
N VAL A 669 -13.71 58.39 -41.91
CA VAL A 669 -12.55 58.16 -42.75
C VAL A 669 -11.45 59.09 -42.24
N THR A 670 -10.30 58.57 -41.84
CA THR A 670 -9.17 59.36 -41.33
C THR A 670 -7.83 58.82 -41.80
#